data_7TRI
#
_entry.id   7TRI
#
_cell.length_a   94.700
_cell.length_b   94.700
_cell.length_c   248.840
_cell.angle_alpha   90.000
_cell.angle_beta   90.000
_cell.angle_gamma   120.000
#
_symmetry.space_group_name_H-M   'P 32 2 1'
#
loop_
_entity.id
_entity.type
_entity.pdbx_description
1 polymer Hemagglutinin
2 polymer 'S8V1-172 Fab kappa light chain'
3 polymer 'S8V1-172 Fab heavy chain'
4 branched beta-D-mannopyranose-(1-4)-2-acetamido-2-deoxy-beta-D-glucopyranose-(1-4)-2-acetamido-2-deoxy-beta-D-glucopyranose
#
loop_
_entity_poly.entity_id
_entity_poly.type
_entity_poly.pdbx_seq_one_letter_code
_entity_poly.pdbx_strand_id
1 'polypeptide(L)'
;TNATELVQSSSTGRICDSPHRILDGENCTLIDALLGDPHCDGFQNKEWDLFVERSKAYSNCYPYDVPDYASLRSLVASSG
TLEFNNESFNWTGVAQNGTSYACKRSSIKSFFSRLNWLHQLKYKYPALNVTMPNNDKFDKLYIWGVHHPSTDSDQTSIYA
QASGRVTVSTKRSQQTVIPNIGSRPWVRGISSRISIHWTIVKPGDILLINSTGNLIAPRGYFKIRSGKSSIMRSDAPIGK
CNSECITPNGSIPNDKPFQNVNRITYGACPRYVKQNTLKLATGALEVLFQVKQN
;
B
2 'polypeptide(L)'
;EIVLTQSPATLSLSPGERATLSCRASQSVSTDLAWYQQKPGQAPRLLIYDAISRASGIPDRFSGSGSGTDFTLTISSLEP
EDFAVYYCQHRSTWVTFGGGTKVEIKRTVAAPSVFIFPPSDEQLKSGTASVVCLLNNFYPREAKVQWKVDNALQSGNSQE
SVTEQDSKDSTYSLSSTLTLSKADYEKHKVYACEVTHQGLSSPVTKSFNRGEC
;
Y
3 'polypeptide(L)'
;EVQLQESGPGLVKPSETLSLTCTVSGGSISNYHWTWIRQPPGKGLEWIGDMYNSGSTKYNPSLKSRVTISVDRSKNQLSL
KLSSVTVADTAVYYCARDDIVIGEGWYHGMDLWGQGTTVTVSGASTKGPSVFPLAPSSKSTSGGTAALGCLVKDYFPEPV
TVSWNSGALTSGVHTFPAVLQSSGLYSLSSVVTVPSSSLGTQTYICNVNHKPSNTKVDKRVEPKSCDKHHHHHH
;
Z
#
# COMPACT_ATOMS: atom_id res chain seq x y z
N GLU A 5 -5.66 -14.36 -73.39
CA GLU A 5 -4.30 -13.84 -73.47
C GLU A 5 -4.16 -12.51 -72.73
N LEU A 6 -2.92 -12.02 -72.68
CA LEU A 6 -2.59 -10.72 -72.09
C LEU A 6 -3.02 -10.63 -70.63
N VAL A 7 -4.14 -9.97 -70.35
CA VAL A 7 -4.59 -9.88 -68.96
C VAL A 7 -5.01 -11.27 -68.47
N GLN A 8 -4.87 -11.48 -67.17
CA GLN A 8 -5.20 -12.80 -66.61
C GLN A 8 -6.64 -12.87 -66.14
N SER A 9 -7.06 -11.92 -65.32
CA SER A 9 -8.40 -11.95 -64.70
C SER A 9 -8.55 -13.28 -63.98
N SER A 10 -9.70 -13.93 -64.10
CA SER A 10 -9.92 -15.29 -63.63
C SER A 10 -9.36 -15.50 -62.22
N SER A 11 -9.80 -14.68 -61.27
CA SER A 11 -9.34 -14.81 -59.89
C SER A 11 -9.93 -16.07 -59.26
N THR A 12 -9.17 -16.65 -58.31
CA THR A 12 -9.59 -17.86 -57.62
C THR A 12 -10.45 -17.55 -56.39
N GLY A 13 -10.04 -16.57 -55.58
CA GLY A 13 -10.73 -16.23 -54.36
C GLY A 13 -10.05 -16.71 -53.11
N ARG A 14 -8.90 -17.38 -53.21
CA ARG A 14 -8.17 -17.87 -52.06
C ARG A 14 -6.68 -17.61 -52.26
N ILE A 15 -5.98 -17.43 -51.14
CA ILE A 15 -4.54 -17.25 -51.13
C ILE A 15 -3.89 -18.56 -50.70
N CYS A 16 -2.99 -19.07 -51.53
CA CYS A 16 -2.35 -20.35 -51.25
C CYS A 16 -1.21 -20.18 -50.25
N ASP A 17 -1.13 -21.11 -49.30
CA ASP A 17 -0.09 -21.08 -48.27
C ASP A 17 1.26 -21.58 -48.77
N SER A 18 1.40 -21.82 -50.06
CA SER A 18 2.64 -22.28 -50.66
C SER A 18 2.82 -21.62 -52.02
N PRO A 19 4.06 -21.38 -52.45
CA PRO A 19 5.31 -21.69 -51.72
C PRO A 19 5.71 -20.62 -50.71
N HIS A 20 5.13 -19.42 -50.84
CA HIS A 20 5.49 -18.32 -49.96
C HIS A 20 4.92 -18.55 -48.56
N ARG A 21 5.64 -18.04 -47.57
CA ARG A 21 5.21 -18.13 -46.17
C ARG A 21 4.17 -17.06 -45.91
N ILE A 22 2.95 -17.47 -45.61
CA ILE A 22 1.83 -16.56 -45.39
C ILE A 22 1.47 -16.57 -43.92
N LEU A 23 1.12 -15.39 -43.39
CA LEU A 23 0.74 -15.24 -41.99
C LEU A 23 -0.59 -14.48 -41.95
N ASP A 24 -1.59 -15.08 -41.31
CA ASP A 24 -2.92 -14.50 -41.23
C ASP A 24 -3.03 -13.81 -39.87
N GLY A 25 -2.85 -12.49 -39.87
CA GLY A 25 -3.05 -11.71 -38.66
C GLY A 25 -4.52 -11.52 -38.34
N GLU A 26 -5.24 -12.63 -38.17
CA GLU A 26 -6.62 -12.58 -37.75
C GLU A 26 -6.75 -11.77 -36.48
N ASN A 27 -7.56 -10.71 -36.54
CA ASN A 27 -7.85 -9.80 -35.43
C ASN A 27 -6.66 -8.94 -35.05
N CYS A 28 -5.51 -9.09 -35.71
CA CYS A 28 -4.26 -8.49 -35.26
C CYS A 28 -3.58 -7.80 -36.43
N THR A 29 -3.19 -6.54 -36.21
CA THR A 29 -2.42 -5.80 -37.21
C THR A 29 -0.93 -5.92 -36.89
N LEU A 30 -0.11 -5.68 -37.93
CA LEU A 30 1.33 -5.78 -37.76
C LEU A 30 1.83 -4.83 -36.67
N ILE A 31 1.38 -3.58 -36.71
CA ILE A 31 1.78 -2.62 -35.69
C ILE A 31 1.33 -3.09 -34.31
N ASP A 32 0.14 -3.70 -34.24
CA ASP A 32 -0.34 -4.23 -32.97
C ASP A 32 0.54 -5.39 -32.49
N ALA A 33 0.96 -6.26 -33.39
CA ALA A 33 1.86 -7.34 -33.02
C ALA A 33 3.25 -6.82 -32.67
N LEU A 34 3.67 -5.73 -33.33
CA LEU A 34 4.96 -5.14 -33.02
C LEU A 34 4.98 -4.57 -31.61
N LEU A 35 3.88 -3.95 -31.18
CA LEU A 35 3.82 -3.33 -29.86
C LEU A 35 3.59 -4.35 -28.75
N GLY A 36 2.75 -5.36 -29.01
CA GLY A 36 2.49 -6.37 -28.01
C GLY A 36 1.10 -6.31 -27.42
N ASP A 37 0.11 -6.04 -28.27
CA ASP A 37 -1.28 -6.01 -27.82
C ASP A 37 -1.67 -7.41 -27.32
N PRO A 38 -2.28 -7.52 -26.13
CA PRO A 38 -2.54 -8.84 -25.54
C PRO A 38 -3.15 -9.88 -26.48
N HIS A 39 -4.08 -9.50 -27.36
CA HIS A 39 -4.66 -10.50 -28.25
C HIS A 39 -3.73 -10.84 -29.42
N CYS A 40 -2.52 -10.31 -29.44
CA CYS A 40 -1.54 -10.62 -30.48
C CYS A 40 -0.26 -11.22 -29.90
N ASP A 41 -0.32 -11.76 -28.69
CA ASP A 41 0.86 -12.36 -28.07
C ASP A 41 1.30 -13.66 -28.75
N GLY A 42 0.47 -14.22 -29.61
CA GLY A 42 0.84 -15.43 -30.33
C GLY A 42 1.65 -15.22 -31.59
N PHE A 43 2.05 -13.98 -31.87
CA PHE A 43 2.82 -13.65 -33.06
C PHE A 43 4.25 -13.26 -32.75
N GLN A 44 4.70 -13.47 -31.51
CA GLN A 44 6.01 -12.98 -31.10
C GLN A 44 7.13 -13.79 -31.75
N ASN A 45 8.11 -13.08 -32.29
CA ASN A 45 9.30 -13.67 -32.90
C ASN A 45 8.95 -14.60 -34.07
N LYS A 46 7.89 -14.27 -34.79
CA LYS A 46 7.45 -15.07 -35.93
C LYS A 46 7.82 -14.35 -37.23
N GLU A 47 8.20 -15.14 -38.23
CA GLU A 47 8.63 -14.64 -39.52
C GLU A 47 7.56 -14.88 -40.57
N TRP A 48 7.75 -14.30 -41.74
CA TRP A 48 6.79 -14.42 -42.82
C TRP A 48 7.42 -13.96 -44.12
N ASP A 49 6.90 -14.47 -45.24
CA ASP A 49 7.19 -13.93 -46.56
C ASP A 49 6.14 -12.95 -47.04
N LEU A 50 4.89 -13.14 -46.63
CA LEU A 50 3.83 -12.18 -46.93
C LEU A 50 2.84 -12.19 -45.76
N PHE A 51 2.68 -11.03 -45.13
CA PHE A 51 1.77 -10.87 -44.00
C PHE A 51 0.47 -10.24 -44.48
N VAL A 52 -0.65 -10.84 -44.11
CA VAL A 52 -1.97 -10.42 -44.58
C VAL A 52 -2.74 -9.83 -43.40
N GLU A 53 -3.08 -8.55 -43.50
CA GLU A 53 -3.92 -7.90 -42.52
C GLU A 53 -5.39 -8.02 -42.92
N ARG A 54 -6.26 -8.12 -41.92
CA ARG A 54 -7.69 -8.27 -42.13
C ARG A 54 -8.42 -6.98 -41.78
N SER A 55 -9.59 -6.81 -42.39
CA SER A 55 -10.45 -5.68 -42.05
C SER A 55 -11.12 -5.87 -40.70
N LYS A 56 -11.20 -7.11 -40.20
CA LYS A 56 -11.77 -7.38 -38.89
C LYS A 56 -10.79 -7.13 -37.76
N ALA A 57 -9.53 -6.84 -38.06
CA ALA A 57 -8.54 -6.62 -37.03
C ALA A 57 -8.85 -5.36 -36.23
N TYR A 58 -8.47 -5.38 -34.95
CA TYR A 58 -8.76 -4.28 -34.06
C TYR A 58 -7.65 -4.16 -33.02
N SER A 59 -7.73 -3.10 -32.22
CA SER A 59 -6.79 -2.84 -31.14
C SER A 59 -7.54 -2.89 -29.81
N ASN A 60 -7.02 -3.69 -28.88
CA ASN A 60 -7.66 -3.90 -27.58
C ASN A 60 -6.65 -3.68 -26.47
N CYS A 61 -6.07 -2.50 -26.44
CA CYS A 61 -5.03 -2.15 -25.47
C CYS A 61 -5.05 -0.63 -25.29
N TYR A 62 -3.94 -0.07 -24.83
CA TYR A 62 -3.87 1.37 -24.64
C TYR A 62 -4.05 2.09 -25.97
N PRO A 63 -4.73 3.24 -25.99
CA PRO A 63 -4.95 3.93 -27.27
C PRO A 63 -3.67 4.59 -27.77
N TYR A 64 -3.24 4.17 -28.96
CA TYR A 64 -2.01 4.64 -29.56
C TYR A 64 -2.31 5.35 -30.87
N ASP A 65 -1.44 6.31 -31.23
CA ASP A 65 -1.52 7.00 -32.51
C ASP A 65 -0.11 7.10 -33.08
N VAL A 66 0.17 6.31 -34.11
CA VAL A 66 1.48 6.33 -34.77
C VAL A 66 1.50 7.47 -35.76
N PRO A 67 2.36 8.47 -35.57
CA PRO A 67 2.42 9.61 -36.51
C PRO A 67 2.65 9.17 -37.95
N ASP A 68 3.79 8.52 -38.20
CA ASP A 68 4.10 7.99 -39.53
C ASP A 68 3.81 6.50 -39.51
N TYR A 69 2.53 6.18 -39.71
CA TYR A 69 2.10 4.79 -39.64
C TYR A 69 2.60 3.99 -40.83
N ALA A 70 2.59 4.59 -42.03
CA ALA A 70 2.89 3.85 -43.24
C ALA A 70 4.34 3.40 -43.28
N SER A 71 5.27 4.27 -42.88
CA SER A 71 6.70 3.92 -42.96
C SER A 71 7.04 2.80 -41.99
N LEU A 72 6.64 2.95 -40.72
CA LEU A 72 6.89 1.90 -39.74
C LEU A 72 6.20 0.60 -40.14
N ARG A 73 5.00 0.71 -40.70
CA ARG A 73 4.32 -0.48 -41.21
C ARG A 73 5.10 -1.10 -42.37
N SER A 74 5.68 -0.28 -43.23
CA SER A 74 6.45 -0.78 -44.36
C SER A 74 7.82 -1.28 -43.94
N LEU A 75 8.36 -0.77 -42.83
CA LEU A 75 9.67 -1.21 -42.37
C LEU A 75 9.63 -2.67 -41.92
N VAL A 76 8.74 -2.98 -40.97
CA VAL A 76 8.64 -4.36 -40.48
C VAL A 76 8.17 -5.29 -41.58
N ALA A 77 7.39 -4.79 -42.53
CA ALA A 77 6.90 -5.62 -43.62
C ALA A 77 8.04 -6.19 -44.46
N SER A 78 9.02 -5.34 -44.79
CA SER A 78 10.11 -5.78 -45.66
C SER A 78 11.04 -6.75 -44.95
N SER A 79 11.20 -6.61 -43.63
CA SER A 79 12.08 -7.52 -42.90
C SER A 79 11.52 -8.92 -42.83
N GLY A 80 10.20 -9.05 -42.73
CA GLY A 80 9.59 -10.36 -42.64
C GLY A 80 9.93 -11.11 -41.37
N THR A 81 10.15 -10.39 -40.28
CA THR A 81 10.48 -11.03 -39.01
C THR A 81 10.09 -10.10 -37.87
N LEU A 82 9.57 -10.69 -36.79
CA LEU A 82 9.27 -9.98 -35.56
C LEU A 82 10.19 -10.41 -34.42
N GLU A 83 11.41 -10.81 -34.76
CA GLU A 83 12.37 -11.30 -33.77
C GLU A 83 12.76 -10.16 -32.85
N PHE A 84 12.50 -10.33 -31.55
CA PHE A 84 12.77 -9.32 -30.54
C PHE A 84 13.86 -9.82 -29.61
N ASN A 85 14.93 -9.03 -29.48
CA ASN A 85 16.04 -9.35 -28.60
C ASN A 85 16.01 -8.39 -27.42
N ASN A 86 15.85 -8.94 -26.22
CA ASN A 86 15.77 -8.13 -25.02
C ASN A 86 17.12 -7.51 -24.68
N GLU A 87 17.11 -6.24 -24.30
CA GLU A 87 18.27 -5.57 -23.75
C GLU A 87 17.94 -5.04 -22.36
N SER A 88 18.97 -4.90 -21.54
CA SER A 88 18.82 -4.48 -20.14
C SER A 88 19.30 -3.04 -20.02
N PHE A 89 18.37 -2.09 -20.08
CA PHE A 89 18.69 -0.70 -19.84
C PHE A 89 18.72 -0.41 -18.35
N ASN A 90 19.55 0.56 -17.97
CA ASN A 90 19.72 0.93 -16.55
C ASN A 90 18.77 2.07 -16.22
N TRP A 91 17.49 1.72 -16.05
CA TRP A 91 16.46 2.69 -15.67
C TRP A 91 16.50 2.88 -14.15
N THR A 92 17.56 3.55 -13.71
CA THR A 92 17.78 3.78 -12.29
C THR A 92 17.05 5.05 -11.85
N GLY A 93 16.37 4.95 -10.70
CA GLY A 93 15.63 6.08 -10.16
C GLY A 93 14.16 6.13 -10.51
N VAL A 94 13.68 5.20 -11.34
CA VAL A 94 12.28 5.18 -11.77
C VAL A 94 11.73 3.77 -11.54
N ALA A 95 10.42 3.66 -11.66
CA ALA A 95 9.73 2.38 -11.57
C ALA A 95 9.19 1.98 -12.95
N GLN A 96 9.25 0.70 -13.24
CA GLN A 96 8.90 0.17 -14.55
C GLN A 96 7.62 -0.66 -14.47
N ASN A 97 7.26 -1.28 -15.60
CA ASN A 97 6.14 -2.21 -15.69
C ASN A 97 4.84 -1.58 -15.20
N GLY A 98 4.52 -0.42 -15.77
CA GLY A 98 3.25 0.23 -15.46
C GLY A 98 2.12 -0.38 -16.25
N THR A 99 1.03 -0.70 -15.57
CA THR A 99 -0.13 -1.34 -16.18
C THR A 99 -1.35 -0.43 -16.08
N SER A 100 -2.32 -0.68 -16.95
CA SER A 100 -3.57 0.07 -16.95
C SER A 100 -4.73 -0.87 -17.25
N TYR A 101 -5.95 -0.37 -17.04
CA TYR A 101 -7.14 -1.20 -17.21
C TYR A 101 -7.36 -1.59 -18.66
N ALA A 102 -6.97 -0.74 -19.61
CA ALA A 102 -7.28 -1.00 -21.02
C ALA A 102 -6.60 -2.27 -21.51
N CYS A 103 -5.31 -2.42 -21.23
CA CYS A 103 -4.54 -3.57 -21.68
C CYS A 103 -4.67 -4.67 -20.64
N LYS A 104 -5.67 -5.54 -20.83
CA LYS A 104 -6.00 -6.58 -19.87
C LYS A 104 -5.50 -7.92 -20.43
N ARG A 105 -4.46 -8.47 -19.80
CA ARG A 105 -3.85 -9.72 -20.23
C ARG A 105 -4.21 -10.80 -19.21
N SER A 106 -4.79 -11.90 -19.69
CA SER A 106 -5.22 -13.02 -18.84
C SER A 106 -6.10 -12.51 -17.69
N SER A 107 -6.99 -11.57 -18.01
CA SER A 107 -7.92 -10.96 -17.07
C SER A 107 -7.23 -10.15 -15.98
N ILE A 108 -5.99 -9.69 -16.24
CA ILE A 108 -5.24 -8.88 -15.29
C ILE A 108 -4.69 -7.66 -16.01
N LYS A 109 -4.56 -6.56 -15.27
CA LYS A 109 -3.97 -5.34 -15.81
C LYS A 109 -2.59 -5.63 -16.40
N SER A 110 -2.30 -5.00 -17.52
CA SER A 110 -1.01 -5.21 -18.18
C SER A 110 -0.73 -4.02 -19.10
N PHE A 111 0.15 -4.23 -20.08
CA PHE A 111 0.56 -3.20 -21.01
C PHE A 111 1.10 -3.88 -22.25
N PHE A 112 1.64 -3.10 -23.18
CA PHE A 112 2.29 -3.67 -24.35
C PHE A 112 3.50 -4.49 -23.93
N SER A 113 3.56 -5.73 -24.41
CA SER A 113 4.62 -6.64 -24.01
C SER A 113 6.01 -6.17 -24.45
N ARG A 114 6.07 -5.31 -25.46
CA ARG A 114 7.34 -4.83 -25.99
C ARG A 114 7.70 -3.43 -25.50
N LEU A 115 6.92 -2.84 -24.60
CA LEU A 115 7.15 -1.50 -24.12
C LEU A 115 7.22 -1.51 -22.59
N ASN A 116 7.85 -0.46 -22.05
CA ASN A 116 8.04 -0.32 -20.61
C ASN A 116 7.55 1.07 -20.20
N TRP A 117 6.48 1.13 -19.42
CA TRP A 117 5.87 2.38 -19.00
C TRP A 117 6.55 2.85 -17.73
N LEU A 118 7.57 3.68 -17.88
CA LEU A 118 8.29 4.21 -16.73
C LEU A 118 7.45 5.24 -16.00
N HIS A 119 7.34 5.09 -14.68
CA HIS A 119 6.59 6.04 -13.86
C HIS A 119 7.41 6.46 -12.65
N GLN A 120 6.79 7.24 -11.76
CA GLN A 120 7.50 7.73 -10.59
C GLN A 120 7.95 6.59 -9.69
N LEU A 121 8.96 6.87 -8.87
CA LEU A 121 9.46 5.94 -7.88
C LEU A 121 9.88 6.73 -6.66
N LYS A 122 9.20 6.49 -5.53
CA LYS A 122 9.43 7.23 -4.29
C LYS A 122 9.22 8.73 -4.50
N TYR A 123 8.25 9.07 -5.37
CA TYR A 123 7.88 10.46 -5.66
C TYR A 123 9.04 11.24 -6.27
N LYS A 124 9.96 10.55 -6.93
CA LYS A 124 11.10 11.19 -7.55
C LYS A 124 11.34 10.58 -8.92
N TYR A 125 11.42 11.44 -9.94
CA TYR A 125 11.63 11.02 -11.33
C TYR A 125 12.79 11.83 -11.88
N PRO A 126 14.01 11.29 -11.86
CA PRO A 126 15.17 12.05 -12.32
C PRO A 126 15.27 12.06 -13.84
N ALA A 127 16.17 12.91 -14.34
CA ALA A 127 16.41 13.02 -15.78
C ALA A 127 17.18 11.79 -16.24
N LEU A 128 16.51 10.89 -16.96
CA LEU A 128 17.13 9.65 -17.40
C LEU A 128 18.00 9.88 -18.62
N ASN A 129 19.15 9.20 -18.65
CA ASN A 129 20.08 9.29 -19.78
C ASN A 129 20.73 7.92 -19.95
N VAL A 130 20.26 7.16 -20.93
CA VAL A 130 20.77 5.81 -21.20
C VAL A 130 21.22 5.73 -22.66
N THR A 131 22.22 4.89 -22.90
CA THR A 131 22.77 4.69 -24.23
C THR A 131 23.02 3.21 -24.46
N MET A 132 22.75 2.76 -25.69
CA MET A 132 22.98 1.37 -26.09
C MET A 132 23.59 1.38 -27.49
N PRO A 133 24.71 0.70 -27.70
CA PRO A 133 25.35 0.68 -29.02
C PRO A 133 24.86 -0.47 -29.88
N ASN A 134 25.01 -0.28 -31.19
CA ASN A 134 24.72 -1.33 -32.17
C ASN A 134 26.03 -2.02 -32.57
N ASN A 135 26.60 -2.72 -31.58
CA ASN A 135 27.82 -3.49 -31.85
C ASN A 135 27.60 -4.53 -32.92
N ASP A 136 26.39 -5.08 -33.00
CA ASP A 136 26.06 -6.06 -34.00
C ASP A 136 25.96 -5.41 -35.38
N LYS A 137 26.02 -6.24 -36.42
CA LYS A 137 26.03 -5.74 -37.79
C LYS A 137 24.63 -5.54 -38.37
N PHE A 138 23.59 -6.06 -37.74
CA PHE A 138 22.24 -5.85 -38.23
C PHE A 138 21.67 -4.56 -37.64
N ASP A 139 21.03 -3.77 -38.49
CA ASP A 139 20.42 -2.52 -38.04
C ASP A 139 19.34 -2.83 -37.00
N LYS A 140 19.27 -1.99 -35.97
CA LYS A 140 18.33 -2.17 -34.88
C LYS A 140 17.17 -1.19 -35.03
N LEU A 141 15.96 -1.68 -34.75
CA LEU A 141 14.76 -0.86 -34.74
C LEU A 141 14.25 -0.78 -33.31
N TYR A 142 14.32 0.40 -32.72
CA TYR A 142 13.81 0.63 -31.37
C TYR A 142 12.46 1.33 -31.46
N ILE A 143 11.46 0.78 -30.79
CA ILE A 143 10.10 1.30 -30.79
C ILE A 143 9.82 1.87 -29.40
N TRP A 144 9.60 3.18 -29.33
CA TRP A 144 9.34 3.87 -28.08
C TRP A 144 8.06 4.68 -28.20
N GLY A 145 7.65 5.28 -27.08
CA GLY A 145 6.42 6.04 -27.04
C GLY A 145 6.49 7.19 -26.07
N VAL A 146 5.47 8.04 -26.15
CA VAL A 146 5.33 9.21 -25.27
C VAL A 146 3.89 9.27 -24.78
N HIS A 147 3.72 9.33 -23.47
CA HIS A 147 2.40 9.34 -22.86
C HIS A 147 1.85 10.76 -22.79
N HIS A 148 0.57 10.91 -23.13
CA HIS A 148 -0.11 12.20 -23.08
C HIS A 148 -1.17 12.17 -21.99
N PRO A 149 -0.88 12.64 -20.79
CA PRO A 149 -1.85 12.55 -19.68
C PRO A 149 -3.10 13.37 -19.96
N SER A 150 -4.15 13.05 -19.21
CA SER A 150 -5.43 13.74 -19.37
C SER A 150 -5.39 15.13 -18.75
N THR A 151 -4.95 15.22 -17.49
CA THR A 151 -4.88 16.49 -16.78
C THR A 151 -3.48 16.68 -16.21
N ASP A 152 -3.23 17.89 -15.69
CA ASP A 152 -1.93 18.16 -15.06
C ASP A 152 -1.77 17.38 -13.77
N SER A 153 -2.88 17.04 -13.10
CA SER A 153 -2.78 16.21 -11.91
C SER A 153 -2.26 14.82 -12.24
N ASP A 154 -2.60 14.30 -13.43
CA ASP A 154 -2.06 13.01 -13.85
C ASP A 154 -0.58 13.14 -14.17
N GLN A 155 -0.19 14.19 -14.88
CA GLN A 155 1.22 14.40 -15.21
C GLN A 155 2.07 14.52 -13.96
N THR A 156 1.53 15.16 -12.91
CA THR A 156 2.24 15.26 -11.65
C THR A 156 2.19 13.95 -10.87
N SER A 157 1.09 13.21 -10.95
CA SER A 157 0.96 12.01 -10.13
C SER A 157 1.74 10.83 -10.69
N ILE A 158 1.97 10.80 -12.00
CA ILE A 158 2.74 9.71 -12.60
C ILE A 158 4.23 10.04 -12.63
N TYR A 159 4.58 11.29 -12.91
CA TYR A 159 5.96 11.66 -13.18
C TYR A 159 6.53 12.71 -12.23
N ALA A 160 5.69 13.37 -11.43
CA ALA A 160 6.14 14.41 -10.50
C ALA A 160 6.91 15.52 -11.20
N GLN A 161 6.54 15.81 -12.45
CA GLN A 161 7.16 16.86 -13.25
C GLN A 161 6.07 17.69 -13.89
N ALA A 162 6.15 19.02 -13.75
CA ALA A 162 5.16 19.89 -14.36
C ALA A 162 5.11 19.69 -15.88
N SER A 163 6.24 19.36 -16.49
CA SER A 163 6.30 19.03 -17.91
C SER A 163 7.46 18.08 -18.13
N GLY A 164 7.37 17.32 -19.22
CA GLY A 164 8.40 16.36 -19.57
C GLY A 164 8.84 16.52 -21.01
N ARG A 165 9.93 15.83 -21.33
CA ARG A 165 10.45 15.76 -22.69
C ARG A 165 10.95 14.36 -22.95
N VAL A 166 11.01 13.98 -24.22
CA VAL A 166 11.60 12.72 -24.65
C VAL A 166 12.41 13.00 -25.91
N THR A 167 13.72 12.80 -25.84
CA THR A 167 14.62 13.03 -26.97
C THR A 167 15.40 11.75 -27.24
N VAL A 168 15.23 11.21 -28.45
CA VAL A 168 15.91 10.00 -28.89
C VAL A 168 16.79 10.36 -30.08
N SER A 169 18.11 10.29 -29.88
CA SER A 169 19.06 10.81 -30.84
C SER A 169 20.04 9.72 -31.29
N THR A 170 20.57 9.90 -32.50
CA THR A 170 21.61 9.05 -33.06
C THR A 170 22.64 9.92 -33.76
N LYS A 171 23.63 9.27 -34.39
CA LYS A 171 24.60 9.99 -35.22
C LYS A 171 23.91 10.77 -36.33
N ARG A 172 22.77 10.28 -36.82
CA ARG A 172 22.14 10.82 -38.02
C ARG A 172 20.79 11.48 -37.76
N SER A 173 20.07 11.09 -36.71
CA SER A 173 18.75 11.63 -36.46
C SER A 173 18.54 11.85 -34.97
N GLN A 174 17.91 12.97 -34.63
CA GLN A 174 17.53 13.29 -33.26
C GLN A 174 16.03 13.56 -33.23
N GLN A 175 15.31 12.78 -32.44
CA GLN A 175 13.85 12.84 -32.37
C GLN A 175 13.45 13.33 -30.98
N THR A 176 12.75 14.46 -30.92
CA THR A 176 12.27 15.05 -29.68
C THR A 176 10.76 15.16 -29.72
N VAL A 177 10.10 14.65 -28.69
CA VAL A 177 8.65 14.69 -28.56
C VAL A 177 8.30 15.39 -27.26
N ILE A 178 7.40 16.35 -27.32
CA ILE A 178 6.94 17.11 -26.17
C ILE A 178 5.50 16.69 -25.87
N PRO A 179 5.20 16.21 -24.66
CA PRO A 179 3.84 15.77 -24.36
C PRO A 179 2.82 16.89 -24.54
N ASN A 180 1.62 16.49 -24.95
CA ASN A 180 0.49 17.40 -25.17
C ASN A 180 -0.63 16.97 -24.21
N ILE A 181 -0.56 17.47 -22.98
CA ILE A 181 -1.54 17.14 -21.94
C ILE A 181 -2.93 17.57 -22.39
N GLY A 182 -3.76 16.61 -22.79
CA GLY A 182 -5.10 16.92 -23.24
C GLY A 182 -6.05 15.79 -22.91
N SER A 183 -7.34 16.06 -23.15
CA SER A 183 -8.41 15.11 -22.85
C SER A 183 -9.00 14.62 -24.18
N ARG A 184 -8.33 13.64 -24.78
CA ARG A 184 -8.81 13.04 -26.01
C ARG A 184 -10.08 12.24 -25.75
N PRO A 185 -10.84 11.93 -26.80
CA PRO A 185 -12.07 11.13 -26.61
C PRO A 185 -11.81 9.83 -25.87
N TRP A 186 -12.81 9.39 -25.12
CA TRP A 186 -12.67 8.22 -24.26
C TRP A 186 -12.63 6.95 -25.10
N VAL A 187 -11.58 6.16 -24.91
CA VAL A 187 -11.41 4.88 -25.58
C VAL A 187 -10.97 3.85 -24.55
N ARG A 188 -11.80 2.83 -24.34
CA ARG A 188 -11.54 1.77 -23.36
C ARG A 188 -11.38 2.36 -21.96
N GLY A 189 -12.21 3.34 -21.64
CA GLY A 189 -12.21 3.94 -20.31
C GLY A 189 -11.02 4.81 -20.01
N ILE A 190 -10.42 5.43 -21.02
CA ILE A 190 -9.22 6.24 -20.85
C ILE A 190 -9.30 7.46 -21.77
N SER A 191 -8.99 8.64 -21.24
CA SER A 191 -8.95 9.87 -22.01
C SER A 191 -7.54 10.26 -22.44
N SER A 192 -6.52 9.56 -21.98
CA SER A 192 -5.14 9.84 -22.36
C SER A 192 -4.76 9.03 -23.60
N ARG A 193 -3.57 9.32 -24.13
CA ARG A 193 -3.08 8.68 -25.35
C ARG A 193 -1.59 8.42 -25.23
N ILE A 194 -1.04 7.73 -26.23
CA ILE A 194 0.37 7.41 -26.30
C ILE A 194 0.81 7.45 -27.76
N SER A 195 1.93 8.12 -28.04
CA SER A 195 2.41 8.32 -29.40
C SER A 195 3.63 7.42 -29.64
N ILE A 196 3.48 6.48 -30.58
CA ILE A 196 4.55 5.54 -30.90
C ILE A 196 5.55 6.18 -31.84
N HIS A 197 6.85 5.93 -31.61
CA HIS A 197 7.90 6.47 -32.46
C HIS A 197 9.00 5.42 -32.62
N TRP A 198 9.70 5.50 -33.74
CA TRP A 198 10.74 4.53 -34.09
C TRP A 198 12.04 5.24 -34.38
N THR A 199 13.15 4.53 -34.14
CA THR A 199 14.49 5.05 -34.42
C THR A 199 15.38 3.88 -34.78
N ILE A 200 16.02 3.95 -35.94
CA ILE A 200 16.88 2.88 -36.43
C ILE A 200 18.32 3.21 -36.05
N VAL A 201 18.98 2.28 -35.36
CA VAL A 201 20.36 2.45 -34.92
C VAL A 201 21.24 1.61 -35.84
N LYS A 202 21.96 2.28 -36.74
CA LYS A 202 22.83 1.58 -37.67
C LYS A 202 24.10 1.11 -36.96
N PRO A 203 24.79 0.11 -37.52
CA PRO A 203 26.03 -0.36 -36.90
C PRO A 203 27.05 0.76 -36.76
N GLY A 204 27.65 0.84 -35.57
CA GLY A 204 28.54 1.94 -35.25
C GLY A 204 27.85 3.19 -34.74
N ASP A 205 26.54 3.15 -34.55
CA ASP A 205 25.77 4.28 -34.05
C ASP A 205 25.25 3.98 -32.65
N ILE A 206 24.88 5.04 -31.93
CA ILE A 206 24.45 4.94 -30.55
C ILE A 206 23.06 5.55 -30.44
N LEU A 207 22.32 5.12 -29.42
CA LEU A 207 20.97 5.59 -29.15
C LEU A 207 20.98 6.35 -27.82
N LEU A 208 20.54 7.61 -27.86
CA LEU A 208 20.55 8.47 -26.70
C LEU A 208 19.12 8.82 -26.30
N ILE A 209 18.73 8.44 -25.09
CA ILE A 209 17.41 8.76 -24.55
C ILE A 209 17.60 9.81 -23.46
N ASN A 210 17.01 10.98 -23.67
CA ASN A 210 17.23 12.15 -22.82
C ASN A 210 15.99 12.49 -22.00
N SER A 211 15.12 11.51 -21.77
CA SER A 211 13.76 11.78 -21.33
C SER A 211 13.73 12.38 -19.93
N THR A 212 13.03 13.52 -19.79
CA THR A 212 12.79 14.15 -18.51
C THR A 212 11.38 13.88 -17.99
N GLY A 213 10.53 13.23 -18.78
CA GLY A 213 9.17 12.93 -18.38
C GLY A 213 8.34 12.33 -19.49
N ASN A 214 7.41 11.44 -19.12
CA ASN A 214 6.46 10.82 -20.04
C ASN A 214 7.18 9.99 -21.11
N LEU A 215 8.01 9.06 -20.65
CA LEU A 215 8.73 8.16 -21.54
C LEU A 215 8.11 6.78 -21.49
N ILE A 216 7.78 6.24 -22.67
CA ILE A 216 7.41 4.84 -22.81
C ILE A 216 8.64 4.14 -23.37
N ALA A 217 9.44 3.58 -22.46
CA ALA A 217 10.74 3.06 -22.83
C ALA A 217 10.61 1.76 -23.62
N PRO A 218 11.51 1.50 -24.56
CA PRO A 218 11.53 0.22 -25.24
C PRO A 218 12.24 -0.85 -24.42
N ARG A 219 11.82 -2.10 -24.62
CA ARG A 219 12.39 -3.23 -23.93
C ARG A 219 13.48 -3.94 -24.72
N GLY A 220 13.86 -3.39 -25.87
CA GLY A 220 14.88 -3.99 -26.69
C GLY A 220 14.71 -3.57 -28.14
N TYR A 221 15.56 -4.15 -28.99
CA TYR A 221 15.61 -3.81 -30.40
C TYR A 221 14.99 -4.92 -31.24
N PHE A 222 14.63 -4.56 -32.47
CA PHE A 222 14.20 -5.51 -33.49
C PHE A 222 15.29 -5.63 -34.55
N LYS A 223 15.15 -6.63 -35.41
CA LYS A 223 16.17 -6.96 -36.40
C LYS A 223 15.69 -6.54 -37.78
N ILE A 224 16.39 -5.56 -38.37
CA ILE A 224 16.16 -5.21 -39.77
C ILE A 224 16.81 -6.31 -40.62
N ARG A 225 15.99 -7.15 -41.23
CA ARG A 225 16.46 -8.27 -42.04
C ARG A 225 16.22 -7.97 -43.51
N SER A 226 17.27 -8.07 -44.32
CA SER A 226 17.14 -7.88 -45.75
C SER A 226 16.36 -9.05 -46.34
N GLY A 227 15.14 -8.77 -46.82
CA GLY A 227 14.31 -9.82 -47.36
C GLY A 227 13.27 -9.27 -48.31
N LYS A 228 12.74 -10.17 -49.15
CA LYS A 228 11.71 -9.82 -50.13
C LYS A 228 10.32 -9.78 -49.52
N SER A 229 10.19 -9.85 -48.21
CA SER A 229 8.88 -9.90 -47.57
C SER A 229 8.17 -8.56 -47.71
N SER A 230 6.86 -8.59 -47.53
CA SER A 230 6.00 -7.41 -47.60
C SER A 230 4.64 -7.80 -47.00
N ILE A 231 3.67 -6.89 -47.10
CA ILE A 231 2.35 -7.10 -46.53
C ILE A 231 1.28 -6.72 -47.55
N MET A 232 0.06 -7.14 -47.26
CA MET A 232 -1.06 -6.94 -48.17
C MET A 232 -2.35 -7.01 -47.36
N ARG A 233 -3.14 -5.94 -47.40
CA ARG A 233 -4.43 -5.93 -46.71
C ARG A 233 -5.46 -6.64 -47.59
N SER A 234 -5.98 -7.77 -47.09
CA SER A 234 -6.94 -8.57 -47.85
C SER A 234 -7.83 -9.33 -46.89
N ASP A 235 -9.06 -9.59 -47.32
CA ASP A 235 -10.03 -10.38 -46.57
C ASP A 235 -10.33 -11.72 -47.23
N ALA A 236 -9.45 -12.18 -48.10
CA ALA A 236 -9.65 -13.45 -48.78
C ALA A 236 -9.15 -14.61 -47.93
N PRO A 237 -9.80 -15.76 -48.00
CA PRO A 237 -9.37 -16.92 -47.19
C PRO A 237 -8.04 -17.47 -47.67
N ILE A 238 -7.24 -17.94 -46.72
CA ILE A 238 -5.95 -18.55 -47.02
C ILE A 238 -6.18 -20.05 -47.13
N GLY A 239 -6.29 -20.55 -48.36
CA GLY A 239 -6.51 -21.96 -48.60
C GLY A 239 -5.20 -22.72 -48.80
N LYS A 240 -5.32 -24.05 -48.82
CA LYS A 240 -4.17 -24.93 -48.98
C LYS A 240 -4.00 -25.25 -50.46
N CYS A 241 -2.95 -24.71 -51.06
CA CYS A 241 -2.64 -24.93 -52.48
C CYS A 241 -1.25 -24.37 -52.75
N ASN A 242 -0.81 -24.49 -54.00
CA ASN A 242 0.45 -23.94 -54.47
C ASN A 242 0.18 -22.96 -55.60
N SER A 243 0.58 -21.71 -55.43
CA SER A 243 0.43 -20.70 -56.46
C SER A 243 1.51 -19.65 -56.28
N GLU A 244 2.27 -19.39 -57.35
CA GLU A 244 3.41 -18.49 -57.24
C GLU A 244 2.99 -17.04 -57.08
N CYS A 245 1.82 -16.67 -57.60
CA CYS A 245 1.35 -15.30 -57.54
C CYS A 245 0.25 -15.15 -56.50
N ILE A 246 0.18 -13.96 -55.90
CA ILE A 246 -0.77 -13.66 -54.83
C ILE A 246 -1.30 -12.25 -55.03
N THR A 247 -2.62 -12.11 -54.99
CA THR A 247 -3.32 -10.84 -55.09
C THR A 247 -4.32 -10.72 -53.94
N PRO A 248 -4.76 -9.51 -53.61
CA PRO A 248 -5.76 -9.37 -52.53
C PRO A 248 -7.06 -10.08 -52.82
N ASN A 249 -7.36 -10.36 -54.08
CA ASN A 249 -8.58 -11.05 -54.46
C ASN A 249 -8.41 -12.56 -54.53
N GLY A 250 -7.20 -13.06 -54.35
CA GLY A 250 -6.91 -14.48 -54.41
C GLY A 250 -5.71 -14.79 -55.27
N SER A 251 -5.24 -16.02 -55.14
CA SER A 251 -4.08 -16.47 -55.91
C SER A 251 -4.38 -16.40 -57.41
N ILE A 252 -3.34 -16.15 -58.18
CA ILE A 252 -3.49 -15.89 -59.62
C ILE A 252 -2.47 -16.72 -60.39
N PRO A 253 -2.86 -17.34 -61.50
CA PRO A 253 -1.86 -18.02 -62.33
C PRO A 253 -0.90 -17.03 -62.97
N ASN A 254 0.38 -17.36 -62.94
CA ASN A 254 1.42 -16.53 -63.53
C ASN A 254 1.74 -16.90 -64.97
N ASP A 255 0.90 -17.73 -65.60
CA ASP A 255 1.18 -18.19 -66.96
C ASP A 255 0.94 -17.07 -67.98
N LYS A 256 -0.19 -16.37 -67.86
CA LYS A 256 -0.50 -15.27 -68.76
C LYS A 256 0.45 -14.10 -68.49
N PRO A 257 0.63 -13.20 -69.47
CA PRO A 257 1.68 -12.18 -69.32
C PRO A 257 1.35 -11.01 -68.41
N PHE A 258 0.09 -10.60 -68.34
CA PHE A 258 -0.28 -9.41 -67.58
C PHE A 258 -1.49 -9.70 -66.70
N GLN A 259 -1.69 -8.86 -65.68
CA GLN A 259 -2.77 -8.99 -64.71
C GLN A 259 -3.61 -7.72 -64.70
N ASN A 260 -4.93 -7.88 -64.71
CA ASN A 260 -5.84 -6.76 -64.50
C ASN A 260 -6.56 -6.85 -63.16
N VAL A 261 -6.17 -7.80 -62.30
CA VAL A 261 -6.89 -8.01 -61.05
C VAL A 261 -6.65 -6.84 -60.09
N ASN A 262 -5.39 -6.48 -59.86
CA ASN A 262 -5.07 -5.42 -58.91
C ASN A 262 -3.60 -5.06 -59.04
N ARG A 263 -3.28 -3.81 -58.71
CA ARG A 263 -1.91 -3.34 -58.68
C ARG A 263 -1.13 -3.85 -57.48
N ILE A 264 -1.75 -4.66 -56.62
CA ILE A 264 -1.10 -5.22 -55.45
C ILE A 264 -0.83 -6.69 -55.75
N THR A 265 0.42 -7.00 -56.10
CA THR A 265 0.84 -8.37 -56.34
C THR A 265 2.10 -8.66 -55.55
N TYR A 266 2.27 -9.92 -55.16
CA TYR A 266 3.46 -10.36 -54.42
C TYR A 266 4.08 -11.54 -55.14
N GLY A 267 5.39 -11.48 -55.32
CA GLY A 267 6.11 -12.57 -55.95
C GLY A 267 6.04 -12.52 -57.47
N ALA A 268 6.45 -13.63 -58.08
CA ALA A 268 6.41 -13.76 -59.53
C ALA A 268 4.98 -13.61 -60.03
N CYS A 269 4.63 -12.42 -60.52
CA CYS A 269 3.28 -12.12 -60.94
C CYS A 269 3.31 -11.39 -62.27
N PRO A 270 2.33 -11.65 -63.14
CA PRO A 270 2.17 -10.84 -64.35
C PRO A 270 1.97 -9.38 -63.98
N ARG A 271 2.65 -8.49 -64.71
CA ARG A 271 2.55 -7.04 -64.43
C ARG A 271 1.09 -6.59 -64.53
N TYR A 272 0.76 -5.43 -63.96
CA TYR A 272 -0.65 -4.96 -63.94
C TYR A 272 -1.03 -4.34 -65.30
N VAL A 273 -2.28 -4.51 -65.68
CA VAL A 273 -2.92 -3.73 -66.78
C VAL A 273 -4.26 -3.22 -66.26
N LYS A 274 -4.70 -2.06 -66.75
CA LYS A 274 -5.97 -1.46 -66.26
C LYS A 274 -7.15 -2.28 -66.79
N GLN A 275 -8.32 -2.13 -66.18
CA GLN A 275 -9.53 -2.89 -66.60
C GLN A 275 -10.12 -2.20 -67.84
N ASN A 276 -10.17 -0.87 -67.83
CA ASN A 276 -10.69 -0.13 -68.97
C ASN A 276 -9.64 0.85 -69.51
N GLU B 1 -22.53 0.04 -2.35
CA GLU B 1 -21.18 0.15 -1.80
C GLU B 1 -20.53 -1.23 -1.65
N ILE B 2 -19.22 -1.27 -1.82
CA ILE B 2 -18.45 -2.49 -1.66
C ILE B 2 -18.11 -2.67 -0.19
N VAL B 3 -18.16 -3.92 0.28
CA VAL B 3 -17.85 -4.25 1.66
C VAL B 3 -16.81 -5.36 1.69
N LEU B 4 -15.78 -5.17 2.50
CA LEU B 4 -14.72 -6.17 2.67
C LEU B 4 -14.91 -6.88 4.00
N THR B 5 -14.85 -8.21 3.98
CA THR B 5 -14.95 -9.03 5.18
C THR B 5 -13.75 -9.95 5.25
N GLN B 6 -12.98 -9.82 6.33
CA GLN B 6 -11.77 -10.60 6.51
C GLN B 6 -12.04 -11.83 7.37
N SER B 7 -11.35 -12.92 7.07
CA SER B 7 -11.48 -14.18 7.77
C SER B 7 -10.12 -14.83 7.95
N PRO B 8 -9.82 -15.35 9.15
CA PRO B 8 -10.69 -15.28 10.32
C PRO B 8 -10.50 -14.01 11.12
N ALA B 9 -11.27 -13.84 12.19
CA ALA B 9 -11.15 -12.64 13.01
C ALA B 9 -9.82 -12.61 13.76
N THR B 10 -9.31 -13.77 14.17
CA THR B 10 -8.07 -13.84 14.93
C THR B 10 -7.32 -15.10 14.54
N LEU B 11 -6.02 -14.96 14.26
CA LEU B 11 -5.15 -16.08 13.94
C LEU B 11 -4.09 -16.23 15.01
N SER B 12 -3.86 -17.47 15.44
CA SER B 12 -2.84 -17.79 16.45
C SER B 12 -1.89 -18.81 15.84
N LEU B 13 -0.68 -18.37 15.51
CA LEU B 13 0.29 -19.22 14.83
C LEU B 13 1.66 -19.05 15.47
N SER B 14 2.36 -20.17 15.65
CA SER B 14 3.68 -20.16 16.24
C SER B 14 4.71 -19.58 15.27
N PRO B 15 5.85 -19.12 15.77
CA PRO B 15 6.88 -18.56 14.87
C PRO B 15 7.35 -19.60 13.87
N GLY B 16 7.70 -19.12 12.68
CA GLY B 16 8.11 -19.97 11.59
C GLY B 16 6.98 -20.53 10.75
N GLU B 17 5.76 -20.54 11.27
CA GLU B 17 4.62 -21.05 10.51
C GLU B 17 4.22 -20.05 9.43
N ARG B 18 3.23 -20.43 8.63
CA ARG B 18 2.76 -19.62 7.52
C ARG B 18 1.39 -19.04 7.84
N ALA B 19 1.20 -17.76 7.53
CA ALA B 19 -0.05 -17.07 7.80
C ALA B 19 -0.83 -16.88 6.50
N THR B 20 -2.14 -17.08 6.58
CA THR B 20 -3.04 -16.91 5.44
C THR B 20 -4.25 -16.10 5.89
N LEU B 21 -4.41 -14.90 5.31
CA LEU B 21 -5.47 -13.99 5.66
C LEU B 21 -6.29 -13.67 4.41
N SER B 22 -7.61 -13.82 4.51
CA SER B 22 -8.50 -13.61 3.38
C SER B 22 -9.26 -12.30 3.53
N CYS B 23 -9.78 -11.81 2.40
CA CYS B 23 -10.53 -10.54 2.32
C CYS B 23 -11.56 -10.68 1.19
N ARG B 24 -12.62 -11.43 1.48
CA ARG B 24 -13.68 -11.61 0.50
C ARG B 24 -14.47 -10.33 0.34
N ALA B 25 -14.72 -9.94 -0.91
CA ALA B 25 -15.44 -8.71 -1.24
C ALA B 25 -16.82 -9.04 -1.77
N SER B 26 -17.72 -8.04 -1.66
CA SER B 26 -19.09 -8.23 -2.10
C SER B 26 -19.18 -8.32 -3.62
N GLN B 27 -18.54 -7.38 -4.32
CA GLN B 27 -18.58 -7.31 -5.77
C GLN B 27 -17.17 -7.44 -6.33
N SER B 28 -17.10 -7.60 -7.65
CA SER B 28 -15.81 -7.71 -8.32
C SER B 28 -15.03 -6.42 -8.19
N VAL B 29 -13.74 -6.54 -7.87
CA VAL B 29 -12.91 -5.39 -7.54
C VAL B 29 -11.73 -5.30 -8.49
N SER B 30 -11.31 -6.44 -9.03
CA SER B 30 -10.08 -6.58 -9.81
C SER B 30 -8.88 -6.32 -8.91
N THR B 31 -7.69 -6.18 -9.50
CA THR B 31 -6.46 -6.01 -8.72
C THR B 31 -6.40 -4.62 -8.10
N ASP B 32 -7.43 -4.25 -7.34
CA ASP B 32 -7.52 -2.94 -6.70
C ASP B 32 -7.75 -3.12 -5.20
N LEU B 33 -6.80 -3.80 -4.55
CA LEU B 33 -6.86 -4.05 -3.12
C LEU B 33 -5.47 -3.95 -2.53
N ALA B 34 -5.39 -3.46 -1.30
CA ALA B 34 -4.12 -3.26 -0.61
C ALA B 34 -4.21 -3.78 0.82
N TRP B 35 -3.10 -4.32 1.31
CA TRP B 35 -3.01 -4.86 2.67
C TRP B 35 -2.16 -3.94 3.54
N TYR B 36 -2.58 -3.77 4.80
CA TYR B 36 -1.92 -2.87 5.73
C TYR B 36 -1.68 -3.57 7.06
N GLN B 37 -0.57 -3.23 7.71
CA GLN B 37 -0.22 -3.75 9.02
C GLN B 37 -0.25 -2.62 10.03
N GLN B 38 -1.04 -2.77 11.08
CA GLN B 38 -1.16 -1.77 12.14
C GLN B 38 -0.64 -2.36 13.44
N LYS B 39 0.63 -2.07 13.75
CA LYS B 39 1.18 -2.44 15.05
C LYS B 39 0.43 -1.69 16.15
N PRO B 40 0.37 -2.27 17.36
CA PRO B 40 -0.39 -1.63 18.44
C PRO B 40 0.11 -0.22 18.73
N GLY B 41 -0.83 0.71 18.84
CA GLY B 41 -0.47 2.09 19.09
C GLY B 41 0.33 2.72 17.98
N GLN B 42 0.30 2.16 16.77
CA GLN B 42 1.10 2.69 15.67
C GLN B 42 0.35 2.90 14.36
N ALA B 43 1.12 3.15 13.32
CA ALA B 43 0.57 3.43 12.02
C ALA B 43 0.30 2.14 11.26
N PRO B 44 -0.83 2.02 10.59
CA PRO B 44 -0.90 1.11 9.44
C PRO B 44 0.23 1.40 8.47
N ARG B 45 0.83 0.32 7.98
CA ARG B 45 1.96 0.37 7.06
C ARG B 45 1.57 -0.38 5.79
N LEU B 46 1.67 0.29 4.65
CA LEU B 46 1.31 -0.35 3.39
C LEU B 46 2.23 -1.53 3.12
N LEU B 47 1.63 -2.71 2.98
CA LEU B 47 2.38 -3.93 2.70
C LEU B 47 2.34 -4.29 1.23
N ILE B 48 1.14 -4.52 0.70
CA ILE B 48 0.94 -4.94 -0.69
C ILE B 48 -0.01 -3.96 -1.35
N TYR B 49 0.29 -3.58 -2.59
CA TYR B 49 -0.61 -2.78 -3.40
C TYR B 49 -0.87 -3.49 -4.72
N ASP B 50 -2.01 -3.19 -5.33
CA ASP B 50 -2.45 -3.84 -6.56
C ASP B 50 -2.50 -5.36 -6.38
N ALA B 51 -2.99 -5.78 -5.22
CA ALA B 51 -3.23 -7.19 -4.87
C ALA B 51 -1.95 -7.99 -4.67
N ILE B 52 -0.94 -7.81 -5.52
CA ILE B 52 0.25 -8.63 -5.51
C ILE B 52 1.52 -7.81 -5.32
N SER B 53 1.60 -6.62 -5.91
CA SER B 53 2.84 -5.85 -5.90
C SER B 53 3.21 -5.42 -4.49
N ARG B 54 4.45 -5.68 -4.11
CA ARG B 54 4.99 -5.30 -2.81
C ARG B 54 5.55 -3.88 -2.87
N ALA B 55 5.50 -3.19 -1.73
CA ALA B 55 5.99 -1.83 -1.63
C ALA B 55 7.41 -1.81 -1.10
N SER B 56 7.93 -0.60 -0.88
CA SER B 56 9.30 -0.44 -0.40
C SER B 56 9.42 -0.97 1.02
N GLY B 57 10.57 -1.59 1.31
CA GLY B 57 10.84 -2.11 2.64
C GLY B 57 10.16 -3.42 2.93
N ILE B 58 8.97 -3.63 2.35
CA ILE B 58 8.18 -4.84 2.57
C ILE B 58 8.99 -6.05 2.12
N PRO B 59 9.35 -6.96 3.04
CA PRO B 59 10.19 -8.10 2.66
C PRO B 59 9.49 -9.09 1.74
N ASP B 60 10.18 -10.17 1.39
CA ASP B 60 9.61 -11.18 0.52
C ASP B 60 8.69 -12.14 1.26
N ARG B 61 8.75 -12.16 2.60
CA ARG B 61 7.87 -13.04 3.37
C ARG B 61 6.41 -12.69 3.15
N PHE B 62 6.11 -11.42 2.88
CA PHE B 62 4.76 -11.00 2.58
C PHE B 62 4.46 -11.24 1.10
N SER B 63 3.35 -11.90 0.81
CA SER B 63 3.00 -12.23 -0.57
C SER B 63 1.48 -12.29 -0.69
N GLY B 64 0.89 -11.27 -1.32
CA GLY B 64 -0.54 -11.25 -1.54
C GLY B 64 -0.93 -11.89 -2.86
N SER B 65 -2.22 -12.21 -2.97
CA SER B 65 -2.74 -12.87 -4.17
C SER B 65 -4.24 -12.70 -4.22
N GLY B 66 -4.78 -12.81 -5.43
CA GLY B 66 -6.22 -12.70 -5.62
C GLY B 66 -6.61 -11.85 -6.82
N SER B 67 -7.88 -11.93 -7.22
CA SER B 67 -8.40 -11.17 -8.35
C SER B 67 -9.92 -11.28 -8.43
N GLY B 68 -10.63 -10.32 -7.86
CA GLY B 68 -12.08 -10.37 -7.86
C GLY B 68 -12.67 -11.18 -6.72
N THR B 69 -13.57 -10.56 -5.96
CA THR B 69 -14.26 -11.18 -4.83
C THR B 69 -13.31 -11.66 -3.74
N ASP B 70 -12.44 -12.62 -4.04
CA ASP B 70 -11.57 -13.24 -3.04
C ASP B 70 -10.14 -12.79 -3.22
N PHE B 71 -9.53 -12.28 -2.14
CA PHE B 71 -8.14 -11.89 -2.10
C PHE B 71 -7.50 -12.43 -0.83
N THR B 72 -6.23 -12.83 -0.92
CA THR B 72 -5.54 -13.42 0.22
C THR B 72 -4.13 -12.86 0.34
N LEU B 73 -3.63 -12.83 1.58
CA LEU B 73 -2.27 -12.40 1.89
C LEU B 73 -1.56 -13.52 2.64
N THR B 74 -0.32 -13.81 2.24
CA THR B 74 0.45 -14.92 2.79
C THR B 74 1.74 -14.39 3.39
N ILE B 75 1.89 -14.55 4.71
CA ILE B 75 3.11 -14.16 5.42
C ILE B 75 3.90 -15.43 5.70
N SER B 76 5.04 -15.57 5.02
CA SER B 76 5.91 -16.72 5.21
C SER B 76 6.84 -16.49 6.40
N SER B 77 7.08 -17.55 7.16
CA SER B 77 7.95 -17.51 8.34
C SER B 77 7.55 -16.37 9.27
N LEU B 78 6.46 -16.57 10.01
CA LEU B 78 5.98 -15.55 10.95
C LEU B 78 7.02 -15.27 12.02
N GLU B 79 7.45 -14.04 12.10
CA GLU B 79 8.43 -13.60 13.08
C GLU B 79 7.73 -12.89 14.24
N PRO B 80 8.34 -12.89 15.43
CA PRO B 80 7.68 -12.27 16.59
C PRO B 80 7.28 -10.82 16.38
N GLU B 81 7.98 -10.09 15.51
CA GLU B 81 7.64 -8.70 15.20
C GLU B 81 6.57 -8.59 14.13
N ASP B 82 5.72 -9.59 13.98
CA ASP B 82 4.59 -9.55 13.06
C ASP B 82 3.25 -9.44 13.77
N PHE B 83 3.26 -9.38 15.11
CA PHE B 83 2.01 -9.24 15.86
C PHE B 83 1.37 -7.89 15.55
N ALA B 84 0.26 -7.93 14.83
CA ALA B 84 -0.47 -6.72 14.47
C ALA B 84 -1.82 -7.13 13.92
N VAL B 85 -2.71 -6.16 13.78
CA VAL B 85 -4.00 -6.35 13.13
C VAL B 85 -3.85 -5.91 11.68
N TYR B 86 -4.13 -6.82 10.75
CA TYR B 86 -3.92 -6.59 9.34
C TYR B 86 -5.23 -6.24 8.66
N TYR B 87 -5.20 -5.22 7.80
CA TYR B 87 -6.38 -4.71 7.13
C TYR B 87 -6.22 -4.79 5.62
N CYS B 88 -7.35 -4.93 4.93
CA CYS B 88 -7.42 -4.84 3.48
C CYS B 88 -8.27 -3.64 3.09
N GLN B 89 -7.87 -2.96 2.02
CA GLN B 89 -8.54 -1.74 1.59
C GLN B 89 -8.76 -1.77 0.09
N HIS B 90 -9.95 -1.33 -0.34
CA HIS B 90 -10.25 -1.10 -1.74
C HIS B 90 -10.32 0.39 -2.02
N ARG B 91 -10.04 0.77 -3.26
CA ARG B 91 -9.91 2.18 -3.61
C ARG B 91 -10.31 2.38 -5.06
N SER B 92 -11.59 2.69 -5.29
CA SER B 92 -12.10 3.09 -6.58
C SER B 92 -13.52 3.62 -6.39
N THR B 93 -13.82 4.77 -6.99
CA THR B 93 -15.09 5.47 -6.78
C THR B 93 -15.29 5.86 -5.32
N TRP B 94 -14.94 4.98 -4.39
CA TRP B 94 -14.96 5.28 -2.96
C TRP B 94 -13.85 4.47 -2.28
N VAL B 95 -13.72 4.64 -0.97
CA VAL B 95 -12.69 3.96 -0.18
C VAL B 95 -13.38 3.13 0.89
N THR B 96 -13.04 1.84 0.94
CA THR B 96 -13.61 0.91 1.90
C THR B 96 -12.50 0.06 2.51
N PHE B 97 -12.57 -0.15 3.81
CA PHE B 97 -11.58 -0.93 4.54
C PHE B 97 -12.19 -2.24 5.01
N GLY B 98 -11.34 -3.10 5.58
CA GLY B 98 -11.76 -4.40 6.05
C GLY B 98 -11.97 -4.44 7.56
N GLY B 99 -12.45 -5.59 8.02
CA GLY B 99 -12.70 -5.77 9.44
C GLY B 99 -11.44 -5.92 10.27
N GLY B 100 -10.38 -6.45 9.67
CA GLY B 100 -9.13 -6.63 10.37
C GLY B 100 -8.94 -8.02 10.96
N THR B 101 -7.74 -8.56 10.86
CA THR B 101 -7.41 -9.88 11.40
C THR B 101 -6.20 -9.73 12.31
N LYS B 102 -6.35 -10.14 13.57
CA LYS B 102 -5.28 -10.03 14.55
C LYS B 102 -4.44 -11.30 14.52
N VAL B 103 -3.15 -11.15 14.24
CA VAL B 103 -2.19 -12.25 14.24
C VAL B 103 -1.43 -12.21 15.55
N GLU B 104 -1.35 -13.34 16.24
CA GLU B 104 -0.74 -13.43 17.57
C GLU B 104 0.35 -14.50 17.55
N ILE B 105 1.61 -14.07 17.64
CA ILE B 105 2.72 -15.00 17.69
C ILE B 105 2.71 -15.73 19.03
N LYS B 106 2.99 -17.04 18.99
CA LYS B 106 2.82 -17.92 20.13
C LYS B 106 4.18 -18.49 20.55
N ARG B 107 4.67 -18.06 21.71
CA ARG B 107 5.93 -18.56 22.23
C ARG B 107 5.68 -19.80 23.10
N THR B 108 6.71 -20.25 23.81
CA THR B 108 6.56 -21.32 24.78
C THR B 108 5.92 -20.79 26.06
N VAL B 109 5.41 -21.72 26.88
CA VAL B 109 4.74 -21.33 28.11
C VAL B 109 5.73 -20.65 29.04
N ALA B 110 5.34 -19.49 29.56
CA ALA B 110 6.17 -18.70 30.45
C ALA B 110 5.36 -18.30 31.67
N ALA B 111 5.83 -18.70 32.85
CA ALA B 111 5.13 -18.37 34.09
C ALA B 111 5.34 -16.90 34.44
N PRO B 112 4.32 -16.26 35.01
CA PRO B 112 4.45 -14.83 35.35
C PRO B 112 5.19 -14.63 36.67
N SER B 113 6.01 -13.58 36.71
CA SER B 113 6.60 -13.11 37.94
C SER B 113 5.62 -12.12 38.58
N VAL B 114 5.20 -12.42 39.81
CA VAL B 114 4.11 -11.70 40.45
C VAL B 114 4.69 -10.72 41.46
N PHE B 115 4.17 -9.49 41.44
CA PHE B 115 4.52 -8.47 42.42
C PHE B 115 3.24 -7.78 42.88
N ILE B 116 3.25 -7.30 44.12
CA ILE B 116 2.11 -6.60 44.71
C ILE B 116 2.60 -5.28 45.28
N PHE B 117 1.78 -4.24 45.16
CA PHE B 117 2.13 -2.90 45.61
C PHE B 117 1.07 -2.40 46.59
N PRO B 118 1.42 -2.13 47.84
CA PRO B 118 0.45 -1.59 48.80
C PRO B 118 0.06 -0.17 48.42
N PRO B 119 -1.04 0.34 48.98
CA PRO B 119 -1.44 1.72 48.68
C PRO B 119 -0.41 2.72 49.16
N SER B 120 -0.40 3.88 48.51
CA SER B 120 0.49 4.96 48.91
C SER B 120 -0.13 5.76 50.04
N ASP B 121 0.72 6.20 50.97
CA ASP B 121 0.25 7.06 52.07
C ASP B 121 -0.40 8.33 51.55
N GLU B 122 0.01 8.78 50.36
CA GLU B 122 -0.64 9.94 49.74
C GLU B 122 -2.09 9.63 49.38
N GLN B 123 -2.33 8.49 48.73
CA GLN B 123 -3.70 8.12 48.38
C GLN B 123 -4.52 7.82 49.63
N LEU B 124 -3.90 7.24 50.66
CA LEU B 124 -4.61 6.98 51.90
C LEU B 124 -5.07 8.28 52.55
N LYS B 125 -4.26 9.34 52.43
CA LYS B 125 -4.67 10.63 52.96
C LYS B 125 -5.89 11.18 52.22
N SER B 126 -6.04 10.83 50.94
CA SER B 126 -7.20 11.30 50.18
C SER B 126 -8.48 10.60 50.61
N GLY B 127 -8.42 9.29 50.84
CA GLY B 127 -9.57 8.55 51.29
C GLY B 127 -9.83 7.27 50.51
N THR B 128 -8.96 6.97 49.55
CA THR B 128 -9.09 5.79 48.70
C THR B 128 -7.82 4.97 48.79
N ALA B 129 -7.98 3.64 48.75
CA ALA B 129 -6.84 2.72 48.79
C ALA B 129 -6.87 1.85 47.54
N SER B 130 -5.82 1.95 46.73
CA SER B 130 -5.69 1.18 45.50
C SER B 130 -4.52 0.22 45.65
N VAL B 131 -4.80 -1.07 45.66
CA VAL B 131 -3.79 -2.12 45.73
C VAL B 131 -3.60 -2.67 44.32
N VAL B 132 -2.35 -2.83 43.91
CA VAL B 132 -1.99 -3.22 42.55
C VAL B 132 -1.25 -4.55 42.60
N CYS B 133 -1.65 -5.48 41.74
CA CYS B 133 -0.98 -6.76 41.57
C CYS B 133 -0.47 -6.86 40.15
N LEU B 134 0.82 -7.15 39.99
CA LEU B 134 1.48 -7.12 38.70
C LEU B 134 1.90 -8.52 38.29
N LEU B 135 1.56 -8.91 37.07
CA LEU B 135 1.99 -10.16 36.46
C LEU B 135 2.79 -9.81 35.21
N ASN B 136 4.09 -10.06 35.25
CA ASN B 136 5.02 -9.51 34.27
C ASN B 136 5.54 -10.63 33.37
N ASN B 137 5.51 -10.37 32.05
CA ASN B 137 6.00 -11.29 31.01
C ASN B 137 5.54 -12.72 31.20
N PHE B 138 4.36 -13.06 30.67
CA PHE B 138 3.87 -14.42 30.74
C PHE B 138 3.15 -14.78 29.45
N TYR B 139 3.04 -16.08 29.21
CA TYR B 139 2.26 -16.64 28.12
C TYR B 139 1.95 -18.09 28.45
N PRO B 140 0.71 -18.56 28.25
CA PRO B 140 -0.44 -17.91 27.60
C PRO B 140 -1.05 -16.73 28.37
N ARG B 141 -1.88 -15.97 27.65
CA ARG B 141 -2.48 -14.77 28.22
C ARG B 141 -3.53 -15.11 29.27
N GLU B 142 -4.15 -16.28 29.16
CA GLU B 142 -5.20 -16.66 30.11
C GLU B 142 -4.64 -16.77 31.52
N ALA B 143 -5.27 -16.07 32.45
CA ALA B 143 -4.84 -16.09 33.85
C ALA B 143 -6.01 -15.66 34.72
N LYS B 144 -5.94 -16.05 35.99
CA LYS B 144 -6.95 -15.70 36.98
C LYS B 144 -6.24 -15.08 38.18
N VAL B 145 -6.61 -13.84 38.50
CA VAL B 145 -6.07 -13.12 39.65
C VAL B 145 -7.20 -12.95 40.65
N GLN B 146 -7.08 -13.58 41.81
CA GLN B 146 -8.09 -13.52 42.86
C GLN B 146 -7.54 -12.73 44.03
N TRP B 147 -8.28 -11.71 44.45
CA TRP B 147 -7.87 -10.88 45.57
C TRP B 147 -8.46 -11.42 46.86
N LYS B 148 -7.69 -11.33 47.94
CA LYS B 148 -8.12 -11.82 49.25
C LYS B 148 -7.80 -10.78 50.31
N VAL B 149 -8.79 -10.40 51.10
CA VAL B 149 -8.65 -9.40 52.16
C VAL B 149 -9.07 -10.09 53.47
N ASP B 150 -8.10 -10.50 54.27
CA ASP B 150 -8.34 -11.22 55.51
C ASP B 150 -9.17 -12.49 55.26
N ASN B 151 -8.67 -13.32 54.34
CA ASN B 151 -9.31 -14.59 53.98
C ASN B 151 -10.73 -14.36 53.45
N ALA B 152 -10.91 -13.31 52.66
CA ALA B 152 -12.20 -12.97 52.07
C ALA B 152 -12.01 -12.67 50.60
N LEU B 153 -12.76 -13.36 49.74
CA LEU B 153 -12.62 -13.18 48.31
C LEU B 153 -13.12 -11.82 47.87
N GLN B 154 -12.60 -11.37 46.74
CA GLN B 154 -12.77 -10.00 46.23
C GLN B 154 -13.23 -10.05 44.78
N SER B 155 -14.45 -9.59 44.52
CA SER B 155 -14.99 -9.55 43.17
C SER B 155 -15.74 -8.24 42.97
N GLY B 156 -15.57 -7.64 41.80
CA GLY B 156 -16.26 -6.41 41.51
C GLY B 156 -15.45 -5.19 41.89
N ASN B 157 -14.80 -5.26 43.05
CA ASN B 157 -14.00 -4.14 43.56
C ASN B 157 -12.60 -4.10 42.96
N SER B 158 -12.32 -4.89 41.92
CA SER B 158 -11.00 -4.94 41.32
C SER B 158 -11.14 -5.05 39.81
N GLN B 159 -10.37 -4.22 39.10
CA GLN B 159 -10.32 -4.24 37.64
C GLN B 159 -8.92 -4.64 37.19
N GLU B 160 -8.76 -4.87 35.89
CA GLU B 160 -7.47 -5.28 35.37
C GLU B 160 -7.37 -4.91 33.89
N SER B 161 -6.13 -4.78 33.43
CA SER B 161 -5.83 -4.52 32.03
C SER B 161 -4.60 -5.32 31.63
N VAL B 162 -4.57 -5.77 30.38
CA VAL B 162 -3.49 -6.59 29.85
C VAL B 162 -2.83 -5.84 28.70
N THR B 163 -1.50 -5.76 28.73
CA THR B 163 -0.77 -5.19 27.60
C THR B 163 -0.95 -6.08 26.37
N GLU B 164 -0.95 -5.46 25.21
CA GLU B 164 -0.95 -6.23 23.99
C GLU B 164 0.37 -6.98 23.84
N GLN B 165 0.35 -8.02 23.01
CA GLN B 165 1.50 -8.91 22.90
C GLN B 165 2.76 -8.15 22.53
N ASP B 166 3.81 -8.35 23.31
CA ASP B 166 5.09 -7.70 23.03
C ASP B 166 5.64 -8.19 21.70
N SER B 167 6.03 -7.25 20.85
CA SER B 167 6.48 -7.57 19.49
C SER B 167 7.83 -8.27 19.46
N LYS B 168 8.45 -8.63 20.59
CA LYS B 168 9.73 -9.33 20.58
C LYS B 168 9.65 -10.66 21.31
N ASP B 169 9.37 -10.66 22.61
CA ASP B 169 9.31 -11.89 23.38
C ASP B 169 7.94 -12.55 23.36
N SER B 170 6.94 -11.90 22.77
CA SER B 170 5.59 -12.44 22.61
C SER B 170 4.95 -12.80 23.96
N THR B 171 5.29 -12.04 24.99
CA THR B 171 4.71 -12.22 26.32
C THR B 171 3.69 -11.12 26.60
N TYR B 172 2.84 -11.38 27.59
CA TYR B 172 1.85 -10.43 28.03
C TYR B 172 2.14 -10.00 29.46
N SER B 173 1.60 -8.84 29.84
CA SER B 173 1.71 -8.32 31.19
C SER B 173 0.32 -7.88 31.65
N LEU B 174 -0.03 -8.22 32.88
CA LEU B 174 -1.34 -7.96 33.44
C LEU B 174 -1.21 -7.13 34.72
N SER B 175 -2.11 -6.16 34.87
CA SER B 175 -2.13 -5.27 36.04
C SER B 175 -3.54 -5.25 36.60
N SER B 176 -3.70 -5.73 37.83
CA SER B 176 -4.99 -5.75 38.51
C SER B 176 -4.97 -4.75 39.66
N THR B 177 -6.01 -3.92 39.74
CA THR B 177 -6.11 -2.86 40.74
C THR B 177 -7.34 -3.09 41.60
N LEU B 178 -7.13 -3.29 42.89
CA LEU B 178 -8.22 -3.46 43.86
C LEU B 178 -8.42 -2.15 44.60
N THR B 179 -9.60 -1.55 44.46
CA THR B 179 -9.89 -0.24 45.03
C THR B 179 -10.81 -0.38 46.23
N LEU B 180 -10.43 0.27 47.33
CA LEU B 180 -11.24 0.30 48.55
C LEU B 180 -11.18 1.69 49.14
N SER B 181 -12.16 2.00 49.98
CA SER B 181 -12.13 3.25 50.72
C SER B 181 -11.09 3.17 51.83
N LYS B 182 -10.72 4.35 52.35
CA LYS B 182 -9.75 4.39 53.45
C LYS B 182 -10.30 3.69 54.68
N ALA B 183 -11.59 3.84 54.95
CA ALA B 183 -12.19 3.19 56.11
C ALA B 183 -12.14 1.68 55.98
N ASP B 184 -12.47 1.15 54.79
CA ASP B 184 -12.47 -0.30 54.60
C ASP B 184 -11.04 -0.85 54.57
N TYR B 185 -10.07 -0.05 54.14
CA TYR B 185 -8.70 -0.54 54.03
C TYR B 185 -8.08 -0.74 55.41
N GLU B 186 -8.20 0.24 56.29
CA GLU B 186 -7.60 0.15 57.61
C GLU B 186 -8.38 -0.75 58.57
N LYS B 187 -9.53 -1.27 58.15
CA LYS B 187 -10.30 -2.20 58.97
C LYS B 187 -9.80 -3.63 58.85
N HIS B 188 -8.93 -3.92 57.90
CA HIS B 188 -8.39 -5.25 57.67
C HIS B 188 -6.86 -5.20 57.72
N LYS B 189 -6.23 -6.36 57.61
CA LYS B 189 -4.78 -6.48 57.74
C LYS B 189 -4.12 -7.10 56.52
N VAL B 190 -4.51 -8.32 56.14
CA VAL B 190 -3.82 -9.05 55.09
C VAL B 190 -4.46 -8.76 53.74
N TYR B 191 -3.63 -8.48 52.74
CA TYR B 191 -4.08 -8.21 51.38
C TYR B 191 -3.22 -9.02 50.42
N ALA B 192 -3.86 -9.88 49.63
CA ALA B 192 -3.15 -10.79 48.74
C ALA B 192 -3.87 -10.91 47.41
N CYS B 193 -3.11 -11.23 46.37
CA CYS B 193 -3.65 -11.56 45.06
C CYS B 193 -3.18 -12.96 44.69
N GLU B 194 -4.13 -13.86 44.42
CA GLU B 194 -3.83 -15.25 44.10
C GLU B 194 -3.84 -15.43 42.59
N VAL B 195 -2.71 -15.86 42.04
CA VAL B 195 -2.52 -15.98 40.59
C VAL B 195 -2.49 -17.46 40.24
N THR B 196 -3.38 -17.88 39.34
CA THR B 196 -3.42 -19.23 38.81
C THR B 196 -3.17 -19.18 37.32
N HIS B 197 -2.06 -19.78 36.89
CA HIS B 197 -1.67 -19.76 35.48
C HIS B 197 -1.11 -21.12 35.11
N GLN B 198 -1.11 -21.41 33.80
CA GLN B 198 -0.68 -22.72 33.33
C GLN B 198 0.75 -23.02 33.73
N GLY B 199 1.67 -22.07 33.51
CA GLY B 199 3.05 -22.24 33.91
C GLY B 199 3.25 -22.32 35.42
N LEU B 200 2.22 -22.03 36.21
CA LEU B 200 2.28 -22.10 37.66
C LEU B 200 1.62 -23.41 38.08
N SER B 201 2.43 -24.39 38.46
CA SER B 201 1.89 -25.67 38.91
C SER B 201 1.03 -25.50 40.17
N SER B 202 1.37 -24.53 41.00
CA SER B 202 0.60 -24.20 42.19
C SER B 202 0.31 -22.70 42.21
N PRO B 203 -0.91 -22.31 42.58
CA PRO B 203 -1.25 -20.88 42.61
C PRO B 203 -0.32 -20.10 43.51
N VAL B 204 0.17 -18.96 43.01
CA VAL B 204 1.04 -18.06 43.75
C VAL B 204 0.18 -17.07 44.52
N THR B 205 0.65 -16.68 45.71
CA THR B 205 -0.10 -15.76 46.57
C THR B 205 0.88 -14.76 47.17
N LYS B 206 0.98 -13.58 46.55
CA LYS B 206 1.80 -12.50 47.06
C LYS B 206 0.94 -11.60 47.95
N SER B 207 1.47 -11.21 49.10
CA SER B 207 0.67 -10.53 50.10
C SER B 207 1.51 -9.54 50.90
N PHE B 208 0.81 -8.61 51.55
CA PHE B 208 1.38 -7.73 52.56
C PHE B 208 0.37 -7.62 53.71
N ASN B 209 0.79 -7.00 54.81
CA ASN B 209 0.12 -7.21 56.08
C ASN B 209 -0.33 -5.95 56.83
N ARG B 210 0.03 -4.75 56.39
CA ARG B 210 -0.31 -3.55 57.13
C ARG B 210 -1.55 -2.87 56.54
N GLY B 211 -2.23 -2.10 57.38
CA GLY B 211 -3.42 -1.38 56.97
C GLY B 211 -4.58 -1.53 57.94
N GLU C 1 13.03 13.98 3.93
CA GLU C 1 11.94 13.02 3.93
C GLU C 1 10.63 13.70 4.33
N VAL C 2 9.60 13.49 3.50
CA VAL C 2 8.28 14.06 3.78
C VAL C 2 7.76 13.47 5.09
N GLN C 3 7.44 14.33 6.04
CA GLN C 3 6.93 13.91 7.34
C GLN C 3 5.71 14.75 7.71
N LEU C 4 4.79 14.12 8.43
CA LEU C 4 3.52 14.75 8.81
C LEU C 4 3.36 14.72 10.32
N GLN C 5 2.60 15.70 10.82
CA GLN C 5 2.33 15.81 12.25
C GLN C 5 0.93 16.39 12.44
N GLU C 6 0.06 15.63 13.10
CA GLU C 6 -1.28 16.09 13.39
C GLU C 6 -1.27 17.03 14.60
N SER C 7 -1.88 18.19 14.43
CA SER C 7 -2.09 19.13 15.54
C SER C 7 -3.59 19.32 15.71
N GLY C 8 -4.07 19.15 16.94
CA GLY C 8 -5.48 19.27 17.22
C GLY C 8 -5.80 19.22 18.70
N PRO C 9 -7.07 19.49 19.04
CA PRO C 9 -7.47 19.47 20.45
C PRO C 9 -7.51 18.06 21.02
N GLY C 10 -7.86 17.94 22.30
CA GLY C 10 -8.00 16.65 22.93
C GLY C 10 -9.45 16.34 23.26
N LEU C 11 -10.28 17.38 23.31
CA LEU C 11 -11.68 17.24 23.66
C LEU C 11 -12.49 18.26 22.88
N VAL C 12 -13.61 17.81 22.30
CA VAL C 12 -14.52 18.68 21.56
C VAL C 12 -15.93 18.36 22.05
N LYS C 13 -16.54 19.30 22.77
CA LYS C 13 -17.88 19.10 23.29
C LYS C 13 -18.86 18.88 22.14
N PRO C 14 -19.91 18.08 22.35
CA PRO C 14 -20.86 17.81 21.26
C PRO C 14 -21.49 19.09 20.72
N SER C 15 -21.89 19.03 19.45
CA SER C 15 -22.49 20.08 18.64
C SER C 15 -21.45 21.08 18.12
N GLU C 16 -20.20 21.03 18.59
CA GLU C 16 -19.17 21.94 18.09
C GLU C 16 -18.66 21.46 16.73
N THR C 17 -17.51 22.00 16.31
CA THR C 17 -16.88 21.64 15.04
C THR C 17 -15.44 21.24 15.29
N LEU C 18 -15.09 20.02 14.90
CA LEU C 18 -13.74 19.53 15.09
C LEU C 18 -12.78 20.19 14.10
N SER C 19 -11.63 20.64 14.60
CA SER C 19 -10.62 21.29 13.77
C SER C 19 -9.30 20.57 13.98
N LEU C 20 -8.77 19.95 12.92
CA LEU C 20 -7.52 19.22 12.98
C LEU C 20 -6.62 19.70 11.87
N THR C 21 -5.39 20.05 12.21
CA THR C 21 -4.43 20.60 11.26
C THR C 21 -3.24 19.64 11.12
N CYS C 22 -2.93 19.30 9.88
CA CYS C 22 -1.83 18.38 9.56
C CYS C 22 -0.71 19.20 8.91
N THR C 23 0.41 19.33 9.62
CA THR C 23 1.58 20.06 9.13
C THR C 23 2.58 19.08 8.54
N VAL C 24 3.09 19.39 7.35
CA VAL C 24 3.97 18.50 6.61
C VAL C 24 5.34 19.16 6.50
N SER C 25 6.39 18.41 6.82
CA SER C 25 7.76 18.89 6.78
C SER C 25 8.57 18.07 5.79
N GLY C 26 9.43 18.76 5.03
CA GLY C 26 10.31 18.10 4.09
C GLY C 26 9.74 17.80 2.73
N GLY C 27 8.64 18.44 2.34
CA GLY C 27 8.04 18.18 1.05
C GLY C 27 7.17 19.34 0.60
N SER C 28 6.60 19.18 -0.58
CA SER C 28 5.71 20.17 -1.17
C SER C 28 4.26 19.74 -0.98
N ILE C 29 3.45 20.64 -0.46
CA ILE C 29 2.09 20.28 -0.05
C ILE C 29 1.13 20.37 -1.23
N SER C 30 1.33 21.34 -2.12
CA SER C 30 0.50 21.43 -3.32
C SER C 30 0.61 20.16 -4.15
N ASN C 31 1.81 19.62 -4.27
CA ASN C 31 1.98 18.31 -4.88
C ASN C 31 1.53 17.22 -3.90
N TYR C 32 1.34 16.01 -4.43
CA TYR C 32 0.95 14.83 -3.66
C TYR C 32 -0.52 14.91 -3.22
N HIS C 33 -1.22 13.79 -3.26
CA HIS C 33 -2.62 13.73 -2.82
C HIS C 33 -2.67 13.30 -1.36
N TRP C 34 -3.60 13.89 -0.62
CA TRP C 34 -3.75 13.63 0.81
C TRP C 34 -5.15 13.11 1.13
N THR C 35 -5.27 12.49 2.30
CA THR C 35 -6.54 11.92 2.74
C THR C 35 -6.56 11.83 4.25
N TRP C 36 -7.75 11.96 4.83
CA TRP C 36 -7.96 11.87 6.27
C TRP C 36 -8.66 10.55 6.59
N ILE C 37 -8.15 9.85 7.59
CA ILE C 37 -8.70 8.58 8.05
C ILE C 37 -8.80 8.61 9.57
N ARG C 38 -9.94 8.15 10.09
CA ARG C 38 -10.15 8.05 11.53
C ARG C 38 -10.34 6.59 11.94
N GLN C 39 -9.99 6.29 13.18
CA GLN C 39 -10.12 4.95 13.75
C GLN C 39 -10.99 5.00 14.99
N PRO C 40 -12.27 4.70 14.90
CA PRO C 40 -13.10 4.64 16.09
C PRO C 40 -12.58 3.59 17.06
N PRO C 41 -12.81 3.77 18.35
CA PRO C 41 -12.22 2.85 19.35
C PRO C 41 -12.71 1.43 19.17
N GLY C 42 -11.79 0.54 18.84
CA GLY C 42 -12.12 -0.87 18.69
C GLY C 42 -13.10 -1.18 17.58
N LYS C 43 -13.22 -0.29 16.60
CA LYS C 43 -14.17 -0.49 15.50
C LYS C 43 -13.49 -0.71 14.16
N GLY C 44 -12.29 -0.19 13.97
CA GLY C 44 -11.55 -0.35 12.73
C GLY C 44 -11.24 0.98 12.10
N LEU C 45 -10.80 0.92 10.85
CA LEU C 45 -10.46 2.12 10.08
C LEU C 45 -11.65 2.56 9.24
N GLU C 46 -11.76 3.88 9.06
CA GLU C 46 -12.83 4.46 8.27
C GLU C 46 -12.28 5.64 7.49
N TRP C 47 -12.77 5.81 6.25
CA TRP C 47 -12.32 6.87 5.37
C TRP C 47 -13.17 8.12 5.57
N ILE C 48 -12.51 9.26 5.80
CA ILE C 48 -13.19 10.53 6.00
C ILE C 48 -13.30 11.25 4.66
N GLY C 49 -12.18 11.47 4.01
CA GLY C 49 -12.17 12.16 2.74
C GLY C 49 -10.76 12.27 2.20
N ASP C 50 -10.64 12.99 1.09
CA ASP C 50 -9.33 13.19 0.48
C ASP C 50 -9.35 14.42 -0.42
N MET C 51 -8.27 15.18 -0.37
CA MET C 51 -8.03 16.30 -1.27
C MET C 51 -6.89 15.95 -2.22
N TYR C 52 -7.05 16.28 -3.49
CA TYR C 52 -6.13 15.86 -4.53
C TYR C 52 -5.28 17.04 -4.99
N ASN C 53 -4.41 16.78 -5.97
CA ASN C 53 -3.53 17.82 -6.50
C ASN C 53 -4.33 18.95 -7.13
N SER C 54 -5.42 18.62 -7.81
CA SER C 54 -6.27 19.62 -8.46
C SER C 54 -7.01 20.50 -7.46
N GLY C 55 -6.89 20.25 -6.15
CA GLY C 55 -7.65 20.97 -5.17
C GLY C 55 -9.06 20.47 -4.98
N SER C 56 -9.58 19.66 -5.90
CA SER C 56 -10.91 19.09 -5.76
C SER C 56 -10.95 18.14 -4.57
N THR C 57 -12.07 18.16 -3.86
CA THR C 57 -12.23 17.37 -2.64
C THR C 57 -13.31 16.32 -2.83
N LYS C 58 -13.15 15.21 -2.10
CA LYS C 58 -14.07 14.08 -2.18
C LYS C 58 -14.23 13.52 -0.78
N TYR C 59 -15.46 13.48 -0.29
CA TYR C 59 -15.73 13.10 1.09
C TYR C 59 -16.64 11.87 1.13
N ASN C 60 -16.52 11.11 2.20
CA ASN C 60 -17.35 9.94 2.42
C ASN C 60 -18.82 10.37 2.41
N PRO C 61 -19.67 9.75 1.58
CA PRO C 61 -21.08 10.18 1.52
C PRO C 61 -21.79 10.23 2.87
N SER C 62 -21.49 9.27 3.76
CA SER C 62 -22.14 9.26 5.07
C SER C 62 -21.80 10.51 5.87
N LEU C 63 -20.66 11.13 5.59
CA LEU C 63 -20.18 12.30 6.32
C LEU C 63 -19.77 13.41 5.36
N LYS C 64 -20.69 13.80 4.47
CA LYS C 64 -20.41 14.91 3.56
C LYS C 64 -20.83 16.25 4.15
N SER C 65 -22.05 16.32 4.70
CA SER C 65 -22.57 17.58 5.21
C SER C 65 -21.74 18.15 6.35
N ARG C 66 -20.86 17.35 6.96
CA ARG C 66 -20.10 17.79 8.11
C ARG C 66 -18.60 17.88 7.88
N VAL C 67 -18.07 17.25 6.84
CA VAL C 67 -16.63 17.19 6.59
C VAL C 67 -16.22 18.27 5.61
N THR C 68 -15.08 18.90 5.86
CA THR C 68 -14.49 19.86 4.93
C THR C 68 -12.98 19.82 5.11
N ILE C 69 -12.26 19.50 4.03
CA ILE C 69 -10.80 19.42 4.04
C ILE C 69 -10.26 20.60 3.24
N SER C 70 -9.47 21.44 3.91
CA SER C 70 -8.86 22.60 3.28
C SER C 70 -7.35 22.58 3.47
N VAL C 71 -6.67 23.37 2.64
CA VAL C 71 -5.22 23.49 2.68
C VAL C 71 -4.88 24.97 2.63
N ASP C 72 -3.75 25.33 3.23
CA ASP C 72 -3.29 26.71 3.31
C ASP C 72 -1.83 26.79 2.87
N ARG C 73 -1.62 26.96 1.57
CA ARG C 73 -0.31 27.37 1.07
C ARG C 73 0.14 28.61 1.82
N SER C 74 1.45 28.76 1.99
CA SER C 74 2.15 29.66 2.90
C SER C 74 2.13 29.11 4.33
N LYS C 75 1.40 28.03 4.60
CA LYS C 75 1.47 27.33 5.87
C LYS C 75 1.80 25.86 5.73
N ASN C 76 1.61 25.26 4.55
CA ASN C 76 1.88 23.85 4.31
C ASN C 76 1.16 22.97 5.32
N GLN C 77 -0.13 23.25 5.53
CA GLN C 77 -0.93 22.59 6.55
C GLN C 77 -2.22 22.09 5.94
N LEU C 78 -2.67 20.92 6.41
CA LEU C 78 -3.91 20.32 5.95
C LEU C 78 -4.94 20.42 7.07
N SER C 79 -6.07 21.05 6.79
CA SER C 79 -7.09 21.33 7.79
C SER C 79 -8.30 20.44 7.56
N LEU C 80 -8.68 19.68 8.59
CA LEU C 80 -9.88 18.88 8.59
C LEU C 80 -10.92 19.56 9.49
N LYS C 81 -12.15 19.66 8.99
CA LYS C 81 -13.23 20.33 9.72
C LYS C 81 -14.45 19.42 9.72
N LEU C 82 -14.85 18.97 10.91
CA LEU C 82 -15.99 18.07 11.08
C LEU C 82 -17.03 18.79 11.95
N SER C 83 -18.11 19.24 11.33
CA SER C 83 -19.13 19.99 12.02
C SER C 83 -20.14 19.05 12.70
N SER C 84 -20.91 19.61 13.63
CA SER C 84 -21.92 18.88 14.39
C SER C 84 -21.34 17.60 14.98
N VAL C 85 -20.30 17.79 15.80
CA VAL C 85 -19.58 16.65 16.37
C VAL C 85 -20.50 15.86 17.29
N THR C 86 -20.65 14.58 17.01
CA THR C 86 -21.32 13.64 17.91
C THR C 86 -20.29 12.72 18.52
N VAL C 87 -20.74 11.88 19.45
CA VAL C 87 -19.81 11.02 20.16
C VAL C 87 -19.30 9.89 19.26
N ALA C 88 -20.05 9.56 18.20
CA ALA C 88 -19.53 8.62 17.21
C ALA C 88 -18.27 9.13 16.54
N ASP C 89 -18.04 10.44 16.56
CA ASP C 89 -16.82 11.02 16.01
C ASP C 89 -15.61 10.86 16.93
N THR C 90 -15.81 10.41 18.16
CA THR C 90 -14.69 10.08 19.04
C THR C 90 -13.86 8.97 18.40
N ALA C 91 -12.66 9.30 17.98
CA ALA C 91 -11.77 8.36 17.30
C ALA C 91 -10.35 8.93 17.36
N VAL C 92 -9.42 8.21 16.75
CA VAL C 92 -8.07 8.71 16.56
C VAL C 92 -7.95 9.10 15.10
N TYR C 93 -7.82 10.38 14.84
CA TYR C 93 -7.85 10.90 13.47
C TYR C 93 -6.44 10.96 12.91
N TYR C 94 -6.31 10.61 11.63
CA TYR C 94 -5.00 10.54 11.01
C TYR C 94 -5.05 11.24 9.65
N CYS C 95 -3.97 11.93 9.30
CA CYS C 95 -3.80 12.51 7.97
C CYS C 95 -2.76 11.68 7.21
N ALA C 96 -3.11 11.30 5.98
CA ALA C 96 -2.25 10.42 5.19
C ALA C 96 -2.18 10.93 3.76
N ARG C 97 -1.12 10.50 3.06
CA ARG C 97 -0.89 10.84 1.66
C ARG C 97 -1.16 9.61 0.80
N ASP C 98 -1.68 9.84 -0.41
CA ASP C 98 -2.01 8.76 -1.31
C ASP C 98 -1.25 8.91 -2.62
N ASP C 99 -0.91 7.77 -3.22
CA ASP C 99 -0.22 7.72 -4.51
C ASP C 99 -1.22 7.50 -5.65
N ILE C 100 -2.25 8.34 -5.71
CA ILE C 100 -3.36 8.14 -6.62
C ILE C 100 -3.06 8.82 -7.95
N VAL C 101 -3.46 8.16 -9.03
CA VAL C 101 -3.43 8.74 -10.37
C VAL C 101 -4.85 8.64 -10.91
N ILE C 102 -5.68 9.64 -10.62
CA ILE C 102 -7.03 9.68 -11.19
C ILE C 102 -6.92 9.82 -12.69
N GLY C 103 -7.76 9.07 -13.41
CA GLY C 103 -7.74 9.11 -14.86
C GLY C 103 -7.07 7.90 -15.46
N GLU C 104 -5.86 7.60 -15.01
CA GLU C 104 -5.14 6.42 -15.47
C GLU C 104 -5.46 5.17 -14.66
N GLY C 105 -6.30 5.29 -13.64
CA GLY C 105 -6.70 4.14 -12.85
C GLY C 105 -5.64 3.59 -11.93
N TRP C 106 -4.62 4.38 -11.61
CA TRP C 106 -3.51 3.92 -10.77
C TRP C 106 -3.83 4.29 -9.33
N TYR C 107 -4.51 3.39 -8.62
CA TYR C 107 -4.85 3.57 -7.22
C TYR C 107 -3.99 2.59 -6.41
N HIS C 108 -2.84 3.06 -5.93
CA HIS C 108 -1.92 2.18 -5.22
C HIS C 108 -1.02 3.02 -4.31
N GLY C 109 -1.35 3.06 -3.02
CA GLY C 109 -0.45 3.70 -2.07
C GLY C 109 -1.10 4.42 -0.90
N MET C 110 -0.46 4.33 0.27
CA MET C 110 -0.77 5.15 1.43
C MET C 110 0.45 5.78 2.07
N ASP C 111 1.66 5.23 1.88
CA ASP C 111 2.92 5.83 2.28
C ASP C 111 2.89 6.53 3.63
N LEU C 112 3.27 7.80 3.64
CA LEU C 112 3.21 8.61 4.85
C LEU C 112 1.79 8.65 5.39
N TRP C 113 1.64 8.43 6.70
CA TRP C 113 0.33 8.19 7.25
C TRP C 113 0.05 8.94 8.55
N GLY C 114 1.06 9.55 9.17
CA GLY C 114 0.83 10.45 10.29
C GLY C 114 1.18 9.86 11.64
N GLN C 115 0.58 10.44 12.67
CA GLN C 115 0.81 10.02 14.05
C GLN C 115 -0.52 9.65 14.71
N GLY C 116 -1.41 10.63 14.83
CA GLY C 116 -2.76 10.35 15.28
C GLY C 116 -3.26 11.11 16.49
N THR C 117 -3.87 12.26 16.25
CA THR C 117 -4.46 13.04 17.33
C THR C 117 -5.73 12.34 17.81
N THR C 118 -5.69 11.83 19.03
CA THR C 118 -6.89 11.23 19.62
C THR C 118 -7.87 12.34 19.99
N VAL C 119 -9.09 12.24 19.45
CA VAL C 119 -10.13 13.25 19.70
C VAL C 119 -11.28 12.56 20.43
N THR C 120 -11.58 13.04 21.62
CA THR C 120 -12.70 12.56 22.42
C THR C 120 -13.80 13.61 22.39
N VAL C 121 -15.01 13.20 22.04
CA VAL C 121 -16.16 14.09 21.92
C VAL C 121 -17.08 13.84 23.11
N SER C 122 -17.07 14.76 24.07
CA SER C 122 -17.92 14.65 25.25
C SER C 122 -17.99 16.00 25.92
N GLY C 123 -19.05 16.19 26.72
CA GLY C 123 -19.24 17.40 27.48
C GLY C 123 -18.54 17.44 28.82
N ALA C 124 -17.64 16.50 29.08
CA ALA C 124 -16.94 16.45 30.36
C ALA C 124 -15.89 17.55 30.43
N SER C 125 -15.31 17.70 31.62
CA SER C 125 -14.26 18.67 31.88
C SER C 125 -12.93 17.96 31.96
N THR C 126 -11.93 18.49 31.26
CA THR C 126 -10.59 17.91 31.26
C THR C 126 -9.99 17.98 32.66
N LYS C 127 -9.82 16.83 33.31
CA LYS C 127 -9.27 16.76 34.65
C LYS C 127 -7.92 16.06 34.60
N GLY C 128 -6.92 16.67 35.22
CA GLY C 128 -5.57 16.15 35.22
C GLY C 128 -5.43 14.88 36.03
N PRO C 129 -4.31 14.19 35.84
CA PRO C 129 -4.09 12.94 36.58
C PRO C 129 -3.44 13.16 37.93
N SER C 130 -3.53 12.12 38.77
CA SER C 130 -2.91 12.11 40.09
C SER C 130 -1.97 10.92 40.15
N VAL C 131 -0.69 11.19 40.34
CA VAL C 131 0.36 10.17 40.28
C VAL C 131 0.70 9.74 41.70
N PHE C 132 0.59 8.44 41.95
CA PHE C 132 0.94 7.85 43.23
C PHE C 132 2.01 6.78 43.04
N PRO C 133 2.98 6.69 43.95
CA PRO C 133 4.08 5.74 43.76
C PRO C 133 3.66 4.31 44.07
N LEU C 134 4.13 3.38 43.24
CA LEU C 134 4.02 1.95 43.49
C LEU C 134 5.38 1.48 43.99
N ALA C 135 5.64 1.74 45.28
CA ALA C 135 6.96 1.51 45.84
C ALA C 135 7.25 0.02 45.94
N PRO C 136 8.53 -0.36 45.78
CA PRO C 136 8.90 -1.76 46.02
C PRO C 136 9.00 -2.06 47.50
N SER C 137 9.66 -3.16 47.85
CA SER C 137 9.82 -3.56 49.24
C SER C 137 10.87 -4.66 49.31
N SER C 138 11.24 -5.02 50.54
CA SER C 138 12.12 -6.17 50.73
C SER C 138 11.43 -7.46 50.29
N LYS C 139 10.09 -7.48 50.32
CA LYS C 139 9.35 -8.60 49.75
C LYS C 139 9.53 -8.66 48.24
N SER C 140 9.52 -7.51 47.57
CA SER C 140 9.75 -7.46 46.14
C SER C 140 11.15 -7.95 45.77
N THR C 141 12.08 -7.93 46.71
CA THR C 141 13.42 -8.47 46.52
C THR C 141 13.34 -9.98 46.70
N SER C 142 13.12 -10.69 45.60
CA SER C 142 13.05 -12.15 45.61
C SER C 142 14.41 -12.80 45.34
N GLY C 143 15.50 -12.10 45.62
CA GLY C 143 16.83 -12.62 45.37
C GLY C 143 17.52 -12.07 44.15
N GLY C 144 17.01 -10.99 43.55
CA GLY C 144 17.64 -10.42 42.38
C GLY C 144 16.80 -9.37 41.68
N THR C 145 15.57 -9.72 41.32
CA THR C 145 14.69 -8.85 40.55
C THR C 145 13.60 -8.29 41.44
N ALA C 146 13.37 -6.98 41.34
CA ALA C 146 12.29 -6.29 42.02
C ALA C 146 11.48 -5.52 40.98
N ALA C 147 10.37 -4.93 41.44
CA ALA C 147 9.48 -4.19 40.55
C ALA C 147 8.96 -2.95 41.27
N LEU C 148 8.84 -1.85 40.52
CA LEU C 148 8.29 -0.61 41.03
C LEU C 148 7.59 0.10 39.88
N GLY C 149 6.77 1.09 40.22
CA GLY C 149 6.05 1.79 39.19
C GLY C 149 5.28 2.98 39.72
N CYS C 150 4.45 3.54 38.85
CA CYS C 150 3.62 4.69 39.15
C CYS C 150 2.16 4.37 38.82
N LEU C 151 1.24 4.90 39.62
CA LEU C 151 -0.19 4.72 39.41
C LEU C 151 -0.77 6.05 38.96
N VAL C 152 -1.04 6.17 37.66
CA VAL C 152 -1.66 7.36 37.09
C VAL C 152 -3.16 7.18 37.14
N LYS C 153 -3.82 7.87 38.06
CA LYS C 153 -5.21 7.63 38.39
C LYS C 153 -6.07 8.87 38.18
N ASP C 154 -7.29 8.66 37.72
CA ASP C 154 -8.32 9.69 37.64
C ASP C 154 -7.93 10.84 36.72
N TYR C 155 -8.05 10.63 35.41
CA TYR C 155 -7.82 11.67 34.43
C TYR C 155 -8.79 11.50 33.28
N PHE C 156 -8.97 12.58 32.50
CA PHE C 156 -9.85 12.56 31.34
C PHE C 156 -9.49 13.72 30.44
N PRO C 157 -9.42 13.52 29.11
CA PRO C 157 -9.58 12.20 28.48
C PRO C 157 -8.23 11.55 28.19
N GLU C 158 -8.26 10.45 27.43
CA GLU C 158 -7.04 9.82 26.99
C GLU C 158 -6.31 10.73 25.99
N PRO C 159 -4.98 10.59 25.86
CA PRO C 159 -4.12 9.69 26.62
C PRO C 159 -3.14 10.42 27.55
N VAL C 160 -2.34 9.64 28.27
CA VAL C 160 -1.21 10.17 29.02
C VAL C 160 0.03 9.42 28.59
N THR C 161 1.17 10.11 28.64
CA THR C 161 2.45 9.55 28.24
C THR C 161 3.33 9.44 29.48
N VAL C 162 3.81 8.23 29.76
CA VAL C 162 4.62 7.96 30.94
C VAL C 162 6.00 7.50 30.48
N SER C 163 7.03 8.21 30.90
CA SER C 163 8.42 7.84 30.68
C SER C 163 9.13 7.69 32.02
N TRP C 164 10.31 7.10 31.99
CA TRP C 164 11.07 6.82 33.21
C TRP C 164 12.47 7.40 33.07
N ASN C 165 12.86 8.23 34.05
CA ASN C 165 14.15 8.92 34.05
C ASN C 165 14.36 9.74 32.78
N SER C 166 13.32 10.50 32.42
CA SER C 166 13.33 11.35 31.22
C SER C 166 13.66 10.56 29.96
N GLY C 167 13.23 9.30 29.91
CA GLY C 167 13.47 8.45 28.76
C GLY C 167 14.76 7.67 28.79
N ALA C 168 15.57 7.84 29.83
CA ALA C 168 16.84 7.12 29.93
C ALA C 168 16.68 5.69 30.42
N LEU C 169 15.48 5.31 30.86
CA LEU C 169 15.21 3.95 31.32
C LEU C 169 14.06 3.40 30.48
N THR C 170 14.37 2.41 29.64
CA THR C 170 13.37 1.77 28.78
C THR C 170 13.31 0.26 28.92
N SER C 171 14.38 -0.39 29.37
CA SER C 171 14.43 -1.85 29.44
C SER C 171 13.49 -2.36 30.52
N GLY C 172 12.44 -3.07 30.12
CA GLY C 172 11.52 -3.67 31.06
C GLY C 172 10.32 -2.83 31.43
N VAL C 173 10.23 -1.59 30.95
CA VAL C 173 9.11 -0.72 31.29
C VAL C 173 7.84 -1.23 30.61
N HIS C 174 6.75 -1.31 31.37
CA HIS C 174 5.46 -1.76 30.87
C HIS C 174 4.41 -0.73 31.29
N THR C 175 4.12 0.21 30.40
CA THR C 175 3.05 1.17 30.62
C THR C 175 1.73 0.51 30.23
N PHE C 176 0.93 0.15 31.23
CA PHE C 176 -0.26 -0.63 30.98
C PHE C 176 -1.33 0.20 30.27
N PRO C 177 -2.20 -0.44 29.51
CA PRO C 177 -3.33 0.29 28.90
C PRO C 177 -4.26 0.82 29.98
N ALA C 178 -4.89 1.95 29.68
CA ALA C 178 -5.75 2.61 30.65
C ALA C 178 -7.09 1.89 30.74
N VAL C 179 -7.65 1.89 31.96
CA VAL C 179 -8.99 1.37 32.21
C VAL C 179 -9.89 2.54 32.56
N LEU C 180 -11.16 2.42 32.17
CA LEU C 180 -12.16 3.44 32.45
C LEU C 180 -12.99 2.97 33.63
N GLN C 181 -12.69 3.49 34.81
CA GLN C 181 -13.44 3.10 36.00
C GLN C 181 -14.86 3.67 35.94
N SER C 182 -15.66 3.26 36.92
CA SER C 182 -17.09 3.62 36.93
C SER C 182 -17.32 5.11 37.09
N SER C 183 -16.34 5.86 37.58
CA SER C 183 -16.50 7.30 37.75
C SER C 183 -16.47 8.05 36.43
N GLY C 184 -16.06 7.41 35.34
CA GLY C 184 -15.89 8.08 34.07
C GLY C 184 -14.49 8.57 33.78
N LEU C 185 -13.56 8.39 34.71
CA LEU C 185 -12.18 8.79 34.53
C LEU C 185 -11.31 7.58 34.20
N TYR C 186 -10.15 7.85 33.61
CA TYR C 186 -9.21 6.81 33.26
C TYR C 186 -8.19 6.61 34.37
N SER C 187 -7.56 5.43 34.37
CA SER C 187 -6.52 5.12 35.34
C SER C 187 -5.64 4.02 34.77
N LEU C 188 -4.33 4.23 34.84
CA LEU C 188 -3.37 3.23 34.39
C LEU C 188 -2.19 3.20 35.34
N SER C 189 -1.35 2.19 35.17
CA SER C 189 -0.14 2.03 35.95
C SER C 189 1.02 1.68 35.02
N SER C 190 2.18 2.25 35.30
CA SER C 190 3.38 2.00 34.52
C SER C 190 4.45 1.44 35.46
N VAL C 191 4.87 0.21 35.21
CA VAL C 191 5.81 -0.49 36.07
C VAL C 191 7.11 -0.75 35.32
N VAL C 192 8.14 -1.08 36.07
CA VAL C 192 9.45 -1.41 35.51
C VAL C 192 10.16 -2.35 36.47
N THR C 193 10.79 -3.38 35.92
CA THR C 193 11.55 -4.36 36.69
C THR C 193 13.03 -3.98 36.65
N VAL C 194 13.62 -3.83 37.84
CA VAL C 194 15.02 -3.44 37.96
C VAL C 194 15.72 -4.41 38.89
N PRO C 195 17.04 -4.54 38.78
CA PRO C 195 17.78 -5.38 39.74
C PRO C 195 17.65 -4.82 41.15
N SER C 196 17.36 -5.72 42.10
CA SER C 196 17.14 -5.31 43.47
C SER C 196 18.38 -4.70 44.11
N SER C 197 19.57 -4.96 43.55
CA SER C 197 20.79 -4.38 44.09
C SER C 197 20.85 -2.88 43.85
N SER C 198 20.19 -2.39 42.78
CA SER C 198 20.24 -0.99 42.41
C SER C 198 19.08 -0.18 42.99
N LEU C 199 18.44 -0.68 44.04
CA LEU C 199 17.29 0.03 44.61
C LEU C 199 17.73 1.23 45.45
N GLY C 200 18.65 1.01 46.39
CA GLY C 200 19.11 2.09 47.23
C GLY C 200 20.15 3.01 46.63
N THR C 201 20.41 2.90 45.33
CA THR C 201 21.43 3.71 44.68
C THR C 201 20.93 4.44 43.45
N GLN C 202 20.16 3.76 42.59
CA GLN C 202 19.62 4.40 41.40
C GLN C 202 18.30 5.09 41.73
N THR C 203 18.17 6.35 41.34
CA THR C 203 16.94 7.10 41.51
C THR C 203 16.00 6.83 40.35
N TYR C 204 14.71 6.69 40.66
CA TYR C 204 13.70 6.32 39.67
C TYR C 204 12.63 7.40 39.62
N ILE C 205 12.58 8.11 38.49
CA ILE C 205 11.58 9.14 38.22
C ILE C 205 10.63 8.61 37.17
N CYS C 206 9.33 8.82 37.39
CA CYS C 206 8.33 8.56 36.36
C CYS C 206 7.75 9.90 35.92
N ASN C 207 7.77 10.13 34.61
CA ASN C 207 7.35 11.39 34.02
C ASN C 207 6.00 11.18 33.33
N VAL C 208 4.96 11.78 33.88
CA VAL C 208 3.61 11.66 33.34
C VAL C 208 3.23 12.99 32.69
N ASN C 209 2.74 12.92 31.46
CA ASN C 209 2.34 14.10 30.71
C ASN C 209 0.92 13.90 30.21
N HIS C 210 0.01 14.78 30.62
CA HIS C 210 -1.38 14.75 30.19
C HIS C 210 -1.63 16.04 29.41
N LYS C 211 -1.42 15.98 28.10
CA LYS C 211 -1.56 17.17 27.25
C LYS C 211 -2.95 17.78 27.29
N PRO C 212 -4.06 17.02 27.22
CA PRO C 212 -5.39 17.68 27.23
C PRO C 212 -5.64 18.57 28.43
N SER C 213 -4.93 18.37 29.53
CA SER C 213 -5.06 19.23 30.70
C SER C 213 -3.81 20.06 30.97
N ASN C 214 -2.82 20.00 30.08
CA ASN C 214 -1.57 20.75 30.21
C ASN C 214 -0.90 20.45 31.55
N THR C 215 -0.78 19.16 31.86
CA THR C 215 -0.30 18.71 33.16
C THR C 215 0.94 17.85 32.98
N LYS C 216 2.02 18.23 33.65
CA LYS C 216 3.24 17.44 33.72
C LYS C 216 3.55 17.16 35.18
N VAL C 217 3.80 15.90 35.50
CA VAL C 217 4.04 15.46 36.88
C VAL C 217 5.31 14.61 36.90
N ASP C 218 6.23 14.95 37.82
CA ASP C 218 7.43 14.16 38.05
C ASP C 218 7.38 13.62 39.47
N LYS C 219 7.52 12.31 39.62
CA LYS C 219 7.38 11.66 40.92
C LYS C 219 8.52 10.66 41.12
N ARG C 220 9.04 10.63 42.35
CA ARG C 220 10.12 9.72 42.71
C ARG C 220 9.53 8.48 43.38
N VAL C 221 9.81 7.32 42.80
CA VAL C 221 9.39 6.04 43.34
C VAL C 221 10.57 5.48 44.14
N GLU C 222 10.40 5.40 45.46
CA GLU C 222 11.47 4.99 46.36
C GLU C 222 10.93 4.02 47.40
N PRO C 223 11.78 3.15 47.93
CA PRO C 223 11.33 2.24 49.00
C PRO C 223 10.96 2.99 50.26
N LYS C 224 10.32 2.29 51.17
CA LYS C 224 9.86 2.87 52.43
C LYS C 224 10.91 2.72 53.53
#